data_4BNA
# 
_entry.id   4BNA 
# 
_audit_conform.dict_name       mmcif_pdbx.dic 
_audit_conform.dict_version    5.387 
_audit_conform.dict_location   http://mmcif.pdb.org/dictionaries/ascii/mmcif_pdbx.dic 
# 
loop_
_database_2.database_id 
_database_2.database_code 
_database_2.pdbx_database_accession 
_database_2.pdbx_DOI 
PDB   4BNA         pdb_00004bna 10.2210/pdb4bna/pdb 
RCSB  BDLB04       ?            ?                   
WWPDB D_1000179270 ?            ?                   
# 
loop_
_pdbx_audit_revision_history.ordinal 
_pdbx_audit_revision_history.data_content_type 
_pdbx_audit_revision_history.major_revision 
_pdbx_audit_revision_history.minor_revision 
_pdbx_audit_revision_history.revision_date 
1 'Structure model' 1 0 1982-04-15 
2 'Structure model' 1 1 2008-05-22 
3 'Structure model' 1 2 2011-07-13 
4 'Structure model' 1 3 2024-02-28 
# 
_pdbx_audit_revision_details.ordinal             1 
_pdbx_audit_revision_details.revision_ordinal    1 
_pdbx_audit_revision_details.data_content_type   'Structure model' 
_pdbx_audit_revision_details.provider            repository 
_pdbx_audit_revision_details.type                'Initial release' 
_pdbx_audit_revision_details.description         ? 
_pdbx_audit_revision_details.details             ? 
# 
loop_
_pdbx_audit_revision_group.ordinal 
_pdbx_audit_revision_group.revision_ordinal 
_pdbx_audit_revision_group.data_content_type 
_pdbx_audit_revision_group.group 
1 2 'Structure model' 'Version format compliance' 
2 3 'Structure model' 'Version format compliance' 
3 4 'Structure model' 'Data collection'           
4 4 'Structure model' 'Database references'       
5 4 'Structure model' 'Derived calculations'      
# 
loop_
_pdbx_audit_revision_category.ordinal 
_pdbx_audit_revision_category.revision_ordinal 
_pdbx_audit_revision_category.data_content_type 
_pdbx_audit_revision_category.category 
1 4 'Structure model' chem_comp_atom 
2 4 'Structure model' chem_comp_bond 
3 4 'Structure model' database_2     
4 4 'Structure model' struct_conn    
# 
loop_
_pdbx_audit_revision_item.ordinal 
_pdbx_audit_revision_item.revision_ordinal 
_pdbx_audit_revision_item.data_content_type 
_pdbx_audit_revision_item.item 
1 4 'Structure model' '_database_2.pdbx_DOI'                
2 4 'Structure model' '_database_2.pdbx_database_accession' 
3 4 'Structure model' '_struct_conn.pdbx_leaving_atom_flag' 
# 
_pdbx_database_status.status_code                     REL 
_pdbx_database_status.entry_id                        4BNA 
_pdbx_database_status.recvd_initial_deposition_date   1982-02-16 
_pdbx_database_status.deposit_site                    BNL 
_pdbx_database_status.process_site                    BNL 
_pdbx_database_status.status_code_sf                  REL 
_pdbx_database_status.status_code_mr                  ? 
_pdbx_database_status.SG_entry                        ? 
_pdbx_database_status.pdb_format_compatible           Y 
_pdbx_database_status.status_code_cs                  ? 
_pdbx_database_status.status_code_nmr_data            ? 
_pdbx_database_status.methods_development_category    ? 
# 
loop_
_audit_author.name 
_audit_author.pdbx_ordinal 
'Kopka, M.L.'     1 
'Fratini, A.V.'   2 
'Dickerson, R.E.' 3 
# 
loop_
_citation.id 
_citation.title 
_citation.journal_abbrev 
_citation.journal_volume 
_citation.page_first 
_citation.page_last 
_citation.year 
_citation.journal_id_ASTM 
_citation.country 
_citation.journal_id_ISSN 
_citation.journal_id_CSD 
_citation.book_publisher 
_citation.pdbx_database_id_PubMed 
_citation.pdbx_database_id_DOI 
primary 'Reversible bending and helix geometry in a B-DNA dodecamer: CGCGAATTBrCGCG.'       J.Biol.Chem.           257 14686 14707 
1982 JBCHA3 US 0021-9258 0071 ? 7174662 ? 
1       'Ordered Water Structure around a B-DNA Dodecamer. A Quantitative Study'            J.Mol.Biol.            163 129   146   
1983 JMOBAK UK 0022-2836 0070 ? ?       ? 
2       'Structure of a B-DNA Dodecamer at 16 Kelvin'                                       Proc.Natl.Acad.Sci.USA 79  4040  4044  
1982 PNASA6 US 0027-8424 0040 ? ?       ? 
3       'Kinematic Model for B-DNA'                                                         Proc.Natl.Acad.Sci.USA 78  7318  7322  
1981 PNASA6 US 0027-8424 0040 ? ?       ? 
4       'Structure of a B-DNA Dodecamer. Conformation and Dynamics'                         Proc.Natl.Acad.Sci.USA 78  2179  2183  
1981 PNASA6 US 0027-8424 0040 ? ?       ? 
5       'Structure of a B-DNA Dodecamer. II. Influence of Base Sequence on Helix Structure' J.Mol.Biol.            149 761   786   
1981 JMOBAK UK 0022-2836 0070 ? ?       ? 
6       'Structure of a B-DNA Dodecamer. III. Geometry of Hydration'                        J.Mol.Biol.            151 535   556   
1981 JMOBAK UK 0022-2836 0070 ? ?       ? 
7       'Crystal Structure Analysis of a Complete Turn of B-DNA'                            Nature                 287 755   758   
1980 NATUAS UK 0028-0836 0006 ? ?       ? 
# 
loop_
_citation_author.citation_id 
_citation_author.name 
_citation_author.ordinal 
_citation_author.identifier_ORCID 
primary 'Fratini, A.V.'   1  ? 
primary 'Kopka, M.L.'     2  ? 
primary 'Drew, H.R.'      3  ? 
primary 'Dickerson, R.E.' 4  ? 
1       'Kopka, M.L.'     5  ? 
1       'Fratini, A.V.'   6  ? 
1       'Drew, H.R.'      7  ? 
1       'Dickerson, R.E.' 8  ? 
2       'Drew, H.R.'      9  ? 
2       'Samson, S.'      10 ? 
2       'Dickerson, R.E.' 11 ? 
3       'Dickerson, R.E.' 12 ? 
3       'Drew, H.R.'      13 ? 
4       'Drew, H.R.'      14 ? 
4       'Wing, R.M.'      15 ? 
4       'Takano, T.'      16 ? 
4       'Broka, C.'       17 ? 
4       'Tanaka, S.'      18 ? 
4       'Itakura, K.'     19 ? 
4       'Dickerson, R.E.' 20 ? 
5       'Dickerson, R.E.' 21 ? 
5       'Drew, H.R.'      22 ? 
6       'Drew, H.R.'      23 ? 
6       'Dickerson, R.E.' 24 ? 
7       'Wing, R.'        25 ? 
7       'Drew, H.R.'      26 ? 
7       'Takano, T.'      27 ? 
7       'Broka, C.'       28 ? 
7       'Tanaka, S.'      29 ? 
7       'Itakura, K.'     30 ? 
7       'Dickerson, R.E.' 31 ? 
# 
loop_
_entity.id 
_entity.type 
_entity.src_method 
_entity.pdbx_description 
_entity.formula_weight 
_entity.pdbx_number_of_molecules 
_entity.pdbx_ec 
_entity.pdbx_mutation 
_entity.pdbx_fragment 
_entity.details 
1 polymer syn 
;DNA (5'-D(*CP*GP*CP*GP*AP*AP*TP*TP*(CBR)P*GP*CP*G)-3')
;
3742.288 2   ? ? ? ? 
2 water   nat water                                                    18.015   114 ? ? ? ? 
# 
_entity_poly.entity_id                      1 
_entity_poly.type                           polydeoxyribonucleotide 
_entity_poly.nstd_linkage                   no 
_entity_poly.nstd_monomer                   yes 
_entity_poly.pdbx_seq_one_letter_code       '(DC)(DG)(DC)(DG)(DA)(DA)(DT)(DT)(CBR)(DG)(DC)(DG)' 
_entity_poly.pdbx_seq_one_letter_code_can   CGCGAATTCGCG 
_entity_poly.pdbx_strand_id                 A,B 
_entity_poly.pdbx_target_identifier         ? 
# 
_pdbx_entity_nonpoly.entity_id   2 
_pdbx_entity_nonpoly.name        water 
_pdbx_entity_nonpoly.comp_id     HOH 
# 
loop_
_entity_poly_seq.entity_id 
_entity_poly_seq.num 
_entity_poly_seq.mon_id 
_entity_poly_seq.hetero 
1 1  DC  n 
1 2  DG  n 
1 3  DC  n 
1 4  DG  n 
1 5  DA  n 
1 6  DA  n 
1 7  DT  n 
1 8  DT  n 
1 9  CBR n 
1 10 DG  n 
1 11 DC  n 
1 12 DG  n 
# 
loop_
_chem_comp.id 
_chem_comp.type 
_chem_comp.mon_nstd_flag 
_chem_comp.name 
_chem_comp.pdbx_synonyms 
_chem_comp.formula 
_chem_comp.formula_weight 
CBR 'DNA linking' n "5-BROMO-2'-DEOXY-CYTIDINE-5'-MONOPHOSPHATE" ? 'C9 H13 Br N3 O7 P' 386.093 
DA  'DNA linking' y "2'-DEOXYADENOSINE-5'-MONOPHOSPHATE"         ? 'C10 H14 N5 O6 P'   331.222 
DC  'DNA linking' y "2'-DEOXYCYTIDINE-5'-MONOPHOSPHATE"          ? 'C9 H14 N3 O7 P'    307.197 
DG  'DNA linking' y "2'-DEOXYGUANOSINE-5'-MONOPHOSPHATE"         ? 'C10 H14 N5 O7 P'   347.221 
DT  'DNA linking' y "THYMIDINE-5'-MONOPHOSPHATE"                 ? 'C10 H15 N2 O8 P'   322.208 
HOH non-polymer   . WATER                                        ? 'H2 O'              18.015  
# 
loop_
_pdbx_poly_seq_scheme.asym_id 
_pdbx_poly_seq_scheme.entity_id 
_pdbx_poly_seq_scheme.seq_id 
_pdbx_poly_seq_scheme.mon_id 
_pdbx_poly_seq_scheme.ndb_seq_num 
_pdbx_poly_seq_scheme.pdb_seq_num 
_pdbx_poly_seq_scheme.auth_seq_num 
_pdbx_poly_seq_scheme.pdb_mon_id 
_pdbx_poly_seq_scheme.auth_mon_id 
_pdbx_poly_seq_scheme.pdb_strand_id 
_pdbx_poly_seq_scheme.pdb_ins_code 
_pdbx_poly_seq_scheme.hetero 
A 1 1  DC  1  1  1  DC  C A . n 
A 1 2  DG  2  2  2  DG  G A . n 
A 1 3  DC  3  3  3  DC  C A . n 
A 1 4  DG  4  4  4  DG  G A . n 
A 1 5  DA  5  5  5  DA  A A . n 
A 1 6  DA  6  6  6  DA  A A . n 
A 1 7  DT  7  7  7  DT  T A . n 
A 1 8  DT  8  8  8  DT  T A . n 
A 1 9  CBR 9  9  9  CBR C A . n 
A 1 10 DG  10 10 10 DG  G A . n 
A 1 11 DC  11 11 11 DC  C A . n 
A 1 12 DG  12 12 12 DG  G A . n 
B 1 1  DC  1  13 13 DC  C B . n 
B 1 2  DG  2  14 14 DG  G B . n 
B 1 3  DC  3  15 15 DC  C B . n 
B 1 4  DG  4  16 16 DG  G B . n 
B 1 5  DA  5  17 17 DA  A B . n 
B 1 6  DA  6  18 18 DA  A B . n 
B 1 7  DT  7  19 19 DT  T B . n 
B 1 8  DT  8  20 20 DT  T B . n 
B 1 9  CBR 9  21 21 CBR C B . n 
B 1 10 DG  10 22 22 DG  G B . n 
B 1 11 DC  11 23 23 DC  C B . n 
B 1 12 DG  12 24 24 DG  G B . n 
# 
loop_
_pdbx_nonpoly_scheme.asym_id 
_pdbx_nonpoly_scheme.entity_id 
_pdbx_nonpoly_scheme.mon_id 
_pdbx_nonpoly_scheme.ndb_seq_num 
_pdbx_nonpoly_scheme.pdb_seq_num 
_pdbx_nonpoly_scheme.auth_seq_num 
_pdbx_nonpoly_scheme.pdb_mon_id 
_pdbx_nonpoly_scheme.auth_mon_id 
_pdbx_nonpoly_scheme.pdb_strand_id 
_pdbx_nonpoly_scheme.pdb_ins_code 
C 2 HOH 1  25  25  HOH HOH A . 
C 2 HOH 2  29  29  HOH HOH A . 
C 2 HOH 3  30  30  HOH HOH A . 
C 2 HOH 4  34  34  HOH HOH A . 
C 2 HOH 5  35  35  HOH HOH A . 
C 2 HOH 6  37  37  HOH HOH A . 
C 2 HOH 7  40  40  HOH HOH A . 
C 2 HOH 8  41  41  HOH HOH A . 
C 2 HOH 9  42  42  HOH HOH A . 
C 2 HOH 10 45  45  HOH HOH A . 
C 2 HOH 11 46  46  HOH HOH A . 
C 2 HOH 12 47  47  HOH HOH A . 
C 2 HOH 13 49  49  HOH HOH A . 
C 2 HOH 14 50  50  HOH HOH A . 
C 2 HOH 15 52  52  HOH HOH A . 
C 2 HOH 16 53  53  HOH HOH A . 
C 2 HOH 17 54  54  HOH HOH A . 
C 2 HOH 18 55  55  HOH HOH A . 
C 2 HOH 19 56  56  HOH HOH A . 
C 2 HOH 20 60  60  HOH HOH A . 
C 2 HOH 21 63  63  HOH HOH A . 
C 2 HOH 22 68  68  HOH HOH A . 
C 2 HOH 23 69  69  HOH HOH A . 
C 2 HOH 24 70  70  HOH HOH A . 
C 2 HOH 25 72  72  HOH HOH A . 
C 2 HOH 26 73  73  HOH HOH A . 
C 2 HOH 27 74  74  HOH HOH A . 
C 2 HOH 28 75  75  HOH HOH A . 
C 2 HOH 29 76  76  HOH HOH A . 
C 2 HOH 30 77  77  HOH HOH A . 
C 2 HOH 31 81  81  HOH HOH A . 
C 2 HOH 32 84  84  HOH HOH A . 
C 2 HOH 33 85  85  HOH HOH A . 
C 2 HOH 34 87  87  HOH HOH A . 
C 2 HOH 35 88  88  HOH HOH A . 
C 2 HOH 36 89  89  HOH HOH A . 
C 2 HOH 37 91  91  HOH HOH A . 
C 2 HOH 38 93  93  HOH HOH A . 
C 2 HOH 39 94  94  HOH HOH A . 
C 2 HOH 40 95  95  HOH HOH A . 
C 2 HOH 41 98  98  HOH HOH A . 
C 2 HOH 42 99  99  HOH HOH A . 
C 2 HOH 43 100 100 HOH HOH A . 
C 2 HOH 44 101 101 HOH HOH A . 
C 2 HOH 45 102 102 HOH HOH A . 
C 2 HOH 46 105 105 HOH HOH A . 
C 2 HOH 47 109 109 HOH HOH A . 
C 2 HOH 48 110 110 HOH HOH A . 
C 2 HOH 49 114 114 HOH HOH A . 
C 2 HOH 50 115 115 HOH HOH A . 
C 2 HOH 51 120 120 HOH HOH A . 
C 2 HOH 52 122 122 HOH HOH A . 
C 2 HOH 53 123 123 HOH HOH A . 
C 2 HOH 54 126 126 HOH HOH A . 
C 2 HOH 55 127 127 HOH HOH A . 
C 2 HOH 56 134 134 HOH HOH A . 
C 2 HOH 57 135 135 HOH HOH A . 
D 2 HOH 1  26  26  HOH HOH B . 
D 2 HOH 2  27  27  HOH HOH B . 
D 2 HOH 3  28  28  HOH HOH B . 
D 2 HOH 4  31  31  HOH HOH B . 
D 2 HOH 5  32  32  HOH HOH B . 
D 2 HOH 6  33  33  HOH HOH B . 
D 2 HOH 7  36  36  HOH HOH B . 
D 2 HOH 8  38  38  HOH HOH B . 
D 2 HOH 9  39  39  HOH HOH B . 
D 2 HOH 10 43  43  HOH HOH B . 
D 2 HOH 11 44  44  HOH HOH B . 
D 2 HOH 12 48  48  HOH HOH B . 
D 2 HOH 13 51  51  HOH HOH B . 
D 2 HOH 14 57  57  HOH HOH B . 
D 2 HOH 15 58  58  HOH HOH B . 
D 2 HOH 16 59  59  HOH HOH B . 
D 2 HOH 17 61  61  HOH HOH B . 
D 2 HOH 18 62  62  HOH HOH B . 
D 2 HOH 19 64  64  HOH HOH B . 
D 2 HOH 20 65  65  HOH HOH B . 
D 2 HOH 21 66  66  HOH HOH B . 
D 2 HOH 22 67  67  HOH HOH B . 
D 2 HOH 23 71  71  HOH HOH B . 
D 2 HOH 24 78  78  HOH HOH B . 
D 2 HOH 25 79  79  HOH HOH B . 
D 2 HOH 26 80  80  HOH HOH B . 
D 2 HOH 27 82  82  HOH HOH B . 
D 2 HOH 28 83  83  HOH HOH B . 
D 2 HOH 29 86  86  HOH HOH B . 
D 2 HOH 30 90  90  HOH HOH B . 
D 2 HOH 31 92  92  HOH HOH B . 
D 2 HOH 32 96  96  HOH HOH B . 
D 2 HOH 33 97  97  HOH HOH B . 
D 2 HOH 34 103 103 HOH HOH B . 
D 2 HOH 35 104 104 HOH HOH B . 
D 2 HOH 36 106 106 HOH HOH B . 
D 2 HOH 37 107 107 HOH HOH B . 
D 2 HOH 38 108 108 HOH HOH B . 
D 2 HOH 39 111 111 HOH HOH B . 
D 2 HOH 40 112 112 HOH HOH B . 
D 2 HOH 41 113 113 HOH HOH B . 
D 2 HOH 42 116 116 HOH HOH B . 
D 2 HOH 43 117 117 HOH HOH B . 
D 2 HOH 44 118 118 HOH HOH B . 
D 2 HOH 45 119 119 HOH HOH B . 
D 2 HOH 46 121 121 HOH HOH B . 
D 2 HOH 47 124 124 HOH HOH B . 
D 2 HOH 48 125 125 HOH HOH B . 
D 2 HOH 49 128 128 HOH HOH B . 
D 2 HOH 50 129 129 HOH HOH B . 
D 2 HOH 51 130 130 HOH HOH B . 
D 2 HOH 52 131 131 HOH HOH B . 
D 2 HOH 53 132 132 HOH HOH B . 
D 2 HOH 54 133 133 HOH HOH B . 
D 2 HOH 55 136 136 HOH HOH B . 
D 2 HOH 56 137 137 HOH HOH B . 
D 2 HOH 57 138 138 HOH HOH B . 
# 
_software.name             JACK-LEVITT 
_software.classification   refinement 
_software.version          . 
_software.citation_id      ? 
_software.pdbx_ordinal     1 
# 
_cell.entry_id           4BNA 
_cell.length_a           24.200 
_cell.length_b           40.090 
_cell.length_c           63.950 
_cell.angle_alpha        90.00 
_cell.angle_beta         90.00 
_cell.angle_gamma        90.00 
_cell.Z_PDB              8 
_cell.pdbx_unique_axis   ? 
# 
_symmetry.entry_id                         4BNA 
_symmetry.space_group_name_H-M             'P 21 21 21' 
_symmetry.pdbx_full_space_group_name_H-M   ? 
_symmetry.cell_setting                     ? 
_symmetry.Int_Tables_number                19 
# 
_exptl.entry_id          4BNA 
_exptl.method            'X-RAY DIFFRACTION' 
_exptl.crystals_number   ? 
# 
_exptl_crystal.id                    1 
_exptl_crystal.density_meas          ? 
_exptl_crystal.density_Matthews      2.07 
_exptl_crystal.density_percent_sol   40.65 
_exptl_crystal.description           ? 
# 
_exptl_crystal_grow.crystal_id      1 
_exptl_crystal_grow.method          'VAPOR DIFFUSION' 
_exptl_crystal_grow.temp            280.00 
_exptl_crystal_grow.temp_details    ? 
_exptl_crystal_grow.pH              ? 
_exptl_crystal_grow.pdbx_details    'VAPOR DIFFUSION, temperature 280.00K' 
_exptl_crystal_grow.pdbx_pH_range   ? 
# 
loop_
_exptl_crystal_grow_comp.crystal_id 
_exptl_crystal_grow_comp.id 
_exptl_crystal_grow_comp.sol_id 
_exptl_crystal_grow_comp.name 
_exptl_crystal_grow_comp.volume 
_exptl_crystal_grow_comp.conc 
_exptl_crystal_grow_comp.details 
1 1 1 WATER    ? ? ? 
1 2 1 MPD      ? ? ? 
1 3 1 MG2+     ? ? ? 
1 4 1 SPERMINE ? ? ? 
# 
_diffrn.id                     1 
_diffrn.ambient_temp           280.00 
_diffrn.ambient_temp_details   ? 
_diffrn.crystal_id             1 
# 
_diffrn_detector.diffrn_id              1 
_diffrn_detector.detector               DIFFRACTOMETER 
_diffrn_detector.type                   ? 
_diffrn_detector.pdbx_collection_date   ? 
_diffrn_detector.details                ? 
# 
_diffrn_radiation.diffrn_id                        1 
_diffrn_radiation.wavelength_id                    1 
_diffrn_radiation.pdbx_monochromatic_or_laue_m_l   ? 
_diffrn_radiation.monochromator                    ? 
_diffrn_radiation.pdbx_diffrn_protocol             ? 
_diffrn_radiation.pdbx_scattering_type             x-ray 
# 
_diffrn_radiation_wavelength.id           1 
_diffrn_radiation_wavelength.wavelength   . 
_diffrn_radiation_wavelength.wt           1.0 
# 
_diffrn_source.diffrn_id                   1 
_diffrn_source.source                      ? 
_diffrn_source.type                        ? 
_diffrn_source.pdbx_synchrotron_site       ? 
_diffrn_source.pdbx_synchrotron_beamline   ? 
_diffrn_source.pdbx_wavelength             ? 
_diffrn_source.pdbx_wavelength_list        ? 
# 
_reflns.entry_id                     4BNA 
_reflns.observed_criterion_sigma_I   ? 
_reflns.observed_criterion_sigma_F   ? 
_reflns.d_resolution_low             8.000 
_reflns.d_resolution_high            2.300 
_reflns.number_obs                   2919 
_reflns.number_all                   ? 
_reflns.percent_possible_obs         ? 
_reflns.pdbx_Rmerge_I_obs            ? 
_reflns.pdbx_Rsym_value              ? 
_reflns.pdbx_netI_over_sigmaI        ? 
_reflns.B_iso_Wilson_estimate        ? 
_reflns.pdbx_redundancy              ? 
_reflns.pdbx_diffrn_id               1 
_reflns.pdbx_ordinal                 1 
# 
_refine.entry_id                                 4BNA 
_refine.ls_number_reflns_obs                     2919 
_refine.ls_number_reflns_all                     ? 
_refine.pdbx_ls_sigma_I                          ? 
_refine.pdbx_ls_sigma_F                          ? 
_refine.pdbx_data_cutoff_high_absF               ? 
_refine.pdbx_data_cutoff_low_absF                ? 
_refine.pdbx_data_cutoff_high_rms_absF           ? 
_refine.ls_d_res_low                             8.000 
_refine.ls_d_res_high                            2.300 
_refine.ls_percent_reflns_obs                    ? 
_refine.ls_R_factor_obs                          0.216 
_refine.ls_R_factor_all                          ? 
_refine.ls_R_factor_R_work                       ? 
_refine.ls_R_factor_R_free                       ? 
_refine.ls_R_factor_R_free_error                 ? 
_refine.ls_R_factor_R_free_error_details         ? 
_refine.ls_percent_reflns_R_free                 ? 
_refine.ls_number_reflns_R_free                  ? 
_refine.ls_number_parameters                     ? 
_refine.ls_number_restraints                     ? 
_refine.occupancy_min                            ? 
_refine.occupancy_max                            ? 
_refine.B_iso_mean                               ? 
_refine.aniso_B[1][1]                            ? 
_refine.aniso_B[2][2]                            ? 
_refine.aniso_B[3][3]                            ? 
_refine.aniso_B[1][2]                            ? 
_refine.aniso_B[1][3]                            ? 
_refine.aniso_B[2][3]                            ? 
_refine.solvent_model_details                    ? 
_refine.solvent_model_param_ksol                 ? 
_refine.solvent_model_param_bsol                 ? 
_refine.pdbx_ls_cross_valid_method               ? 
_refine.details                                  ? 
_refine.pdbx_starting_model                      ? 
_refine.pdbx_method_to_determine_struct          ? 
_refine.pdbx_isotropic_thermal_model             ? 
_refine.pdbx_stereochemistry_target_values       ? 
_refine.pdbx_stereochem_target_val_spec_case     ? 
_refine.pdbx_R_Free_selection_details            ? 
_refine.pdbx_overall_ESU_R                       ? 
_refine.pdbx_overall_ESU_R_Free                  ? 
_refine.overall_SU_ML                            ? 
_refine.overall_SU_B                             ? 
_refine.pdbx_refine_id                           'X-RAY DIFFRACTION' 
_refine.pdbx_diffrn_id                           1 
_refine.pdbx_TLS_residual_ADP_flag               ? 
_refine.correlation_coeff_Fo_to_Fc               ? 
_refine.correlation_coeff_Fo_to_Fc_free          ? 
_refine.pdbx_solvent_vdw_probe_radii             ? 
_refine.pdbx_solvent_ion_probe_radii             ? 
_refine.pdbx_solvent_shrinkage_radii             ? 
_refine.pdbx_overall_phase_error                 ? 
_refine.overall_SU_R_Cruickshank_DPI             ? 
_refine.pdbx_overall_SU_R_free_Cruickshank_DPI   ? 
_refine.pdbx_overall_SU_R_Blow_DPI               ? 
_refine.pdbx_overall_SU_R_free_Blow_DPI          ? 
# 
_refine_hist.pdbx_refine_id                   'X-RAY DIFFRACTION' 
_refine_hist.cycle_id                         LAST 
_refine_hist.pdbx_number_atoms_protein        0 
_refine_hist.pdbx_number_atoms_nucleic_acid   486 
_refine_hist.pdbx_number_atoms_ligand         2 
_refine_hist.number_atoms_solvent             114 
_refine_hist.number_atoms_total               602 
_refine_hist.d_res_high                       2.300 
_refine_hist.d_res_low                        8.000 
# 
_struct.entry_id                  4BNA 
_struct.title                     'REVERSIBLE BENDING AND HELIX GEOMETRY IN A B-DNA DODECAMER: CGCGAATTBRCGCG' 
_struct.pdbx_model_details        ? 
_struct.pdbx_CASP_flag            ? 
_struct.pdbx_model_type_details   ? 
# 
_struct_keywords.entry_id        4BNA 
_struct_keywords.pdbx_keywords   DNA 
_struct_keywords.text            'B-DNA, DOUBLE HELIX, MODIFIED, DNA' 
# 
loop_
_struct_asym.id 
_struct_asym.pdbx_blank_PDB_chainid_flag 
_struct_asym.pdbx_modified 
_struct_asym.entity_id 
_struct_asym.details 
A N N 1 ? 
B N N 1 ? 
C N N 2 ? 
D N N 2 ? 
# 
_struct_ref.id                         1 
_struct_ref.entity_id                  1 
_struct_ref.db_name                    PDB 
_struct_ref.db_code                    4BNA 
_struct_ref.pdbx_db_accession          4BNA 
_struct_ref.pdbx_db_isoform            ? 
_struct_ref.pdbx_seq_one_letter_code   ? 
_struct_ref.pdbx_align_begin           ? 
# 
loop_
_struct_ref_seq.align_id 
_struct_ref_seq.ref_id 
_struct_ref_seq.pdbx_PDB_id_code 
_struct_ref_seq.pdbx_strand_id 
_struct_ref_seq.seq_align_beg 
_struct_ref_seq.pdbx_seq_align_beg_ins_code 
_struct_ref_seq.seq_align_end 
_struct_ref_seq.pdbx_seq_align_end_ins_code 
_struct_ref_seq.pdbx_db_accession 
_struct_ref_seq.db_align_beg 
_struct_ref_seq.pdbx_db_align_beg_ins_code 
_struct_ref_seq.db_align_end 
_struct_ref_seq.pdbx_db_align_end_ins_code 
_struct_ref_seq.pdbx_auth_seq_align_beg 
_struct_ref_seq.pdbx_auth_seq_align_end 
1 1 4BNA A 1 ? 12 ? 4BNA 1  ? 12 ? 1  12 
2 1 4BNA B 1 ? 12 ? 4BNA 13 ? 24 ? 13 24 
# 
_pdbx_struct_assembly.id                   1 
_pdbx_struct_assembly.details              author_defined_assembly 
_pdbx_struct_assembly.method_details       ? 
_pdbx_struct_assembly.oligomeric_details   dimeric 
_pdbx_struct_assembly.oligomeric_count     2 
# 
_pdbx_struct_assembly_gen.assembly_id       1 
_pdbx_struct_assembly_gen.oper_expression   1 
_pdbx_struct_assembly_gen.asym_id_list      A,B,C,D 
# 
_pdbx_struct_oper_list.id                   1 
_pdbx_struct_oper_list.type                 'identity operation' 
_pdbx_struct_oper_list.name                 1_555 
_pdbx_struct_oper_list.symmetry_operation   x,y,z 
_pdbx_struct_oper_list.matrix[1][1]         1.0000000000 
_pdbx_struct_oper_list.matrix[1][2]         0.0000000000 
_pdbx_struct_oper_list.matrix[1][3]         0.0000000000 
_pdbx_struct_oper_list.vector[1]            0.0000000000 
_pdbx_struct_oper_list.matrix[2][1]         0.0000000000 
_pdbx_struct_oper_list.matrix[2][2]         1.0000000000 
_pdbx_struct_oper_list.matrix[2][3]         0.0000000000 
_pdbx_struct_oper_list.vector[2]            0.0000000000 
_pdbx_struct_oper_list.matrix[3][1]         0.0000000000 
_pdbx_struct_oper_list.matrix[3][2]         0.0000000000 
_pdbx_struct_oper_list.matrix[3][3]         1.0000000000 
_pdbx_struct_oper_list.vector[3]            0.0000000000 
# 
_struct_biol.id   1 
# 
loop_
_struct_conn.id 
_struct_conn.conn_type_id 
_struct_conn.pdbx_leaving_atom_flag 
_struct_conn.pdbx_PDB_id 
_struct_conn.ptnr1_label_asym_id 
_struct_conn.ptnr1_label_comp_id 
_struct_conn.ptnr1_label_seq_id 
_struct_conn.ptnr1_label_atom_id 
_struct_conn.pdbx_ptnr1_label_alt_id 
_struct_conn.pdbx_ptnr1_PDB_ins_code 
_struct_conn.pdbx_ptnr1_standard_comp_id 
_struct_conn.ptnr1_symmetry 
_struct_conn.ptnr2_label_asym_id 
_struct_conn.ptnr2_label_comp_id 
_struct_conn.ptnr2_label_seq_id 
_struct_conn.ptnr2_label_atom_id 
_struct_conn.pdbx_ptnr2_label_alt_id 
_struct_conn.pdbx_ptnr2_PDB_ins_code 
_struct_conn.ptnr1_auth_asym_id 
_struct_conn.ptnr1_auth_comp_id 
_struct_conn.ptnr1_auth_seq_id 
_struct_conn.ptnr2_auth_asym_id 
_struct_conn.ptnr2_auth_comp_id 
_struct_conn.ptnr2_auth_seq_id 
_struct_conn.ptnr2_symmetry 
_struct_conn.pdbx_ptnr3_label_atom_id 
_struct_conn.pdbx_ptnr3_label_seq_id 
_struct_conn.pdbx_ptnr3_label_comp_id 
_struct_conn.pdbx_ptnr3_label_asym_id 
_struct_conn.pdbx_ptnr3_label_alt_id 
_struct_conn.pdbx_ptnr3_PDB_ins_code 
_struct_conn.details 
_struct_conn.pdbx_dist_value 
_struct_conn.pdbx_value_order 
_struct_conn.pdbx_role 
covale1  covale both ? A DT  8  "O3'" ? ? ? 1_555 A CBR 9  P  ? ? A DT  8  A CBR 9  1_555 ? ? ? ? ? ? ?            1.593 ? ? 
covale2  covale both ? A CBR 9  "O3'" ? ? ? 1_555 A DG  10 P  ? ? A CBR 9  A DG  10 1_555 ? ? ? ? ? ? ?            1.596 ? ? 
covale3  covale both ? B DT  8  "O3'" ? ? ? 1_555 B CBR 9  P  ? ? B DT  20 B CBR 21 1_555 ? ? ? ? ? ? ?            1.600 ? ? 
covale4  covale both ? B CBR 9  "O3'" ? ? ? 1_555 B DG  10 P  ? ? B CBR 21 B DG  22 1_555 ? ? ? ? ? ? ?            1.606 ? ? 
hydrog1  hydrog ?    ? A DC  1  N3    ? ? ? 1_555 B DG  12 N1 ? ? A DC  1  B DG  24 1_555 ? ? ? ? ? ? WATSON-CRICK ?     ? ? 
hydrog2  hydrog ?    ? A DC  1  N4    ? ? ? 1_555 B DG  12 O6 ? ? A DC  1  B DG  24 1_555 ? ? ? ? ? ? WATSON-CRICK ?     ? ? 
hydrog3  hydrog ?    ? A DC  1  O2    ? ? ? 1_555 B DG  12 N2 ? ? A DC  1  B DG  24 1_555 ? ? ? ? ? ? WATSON-CRICK ?     ? ? 
hydrog4  hydrog ?    ? A DG  2  N1    ? ? ? 1_555 B DC  11 N3 ? ? A DG  2  B DC  23 1_555 ? ? ? ? ? ? WATSON-CRICK ?     ? ? 
hydrog5  hydrog ?    ? A DG  2  N2    ? ? ? 1_555 B DC  11 O2 ? ? A DG  2  B DC  23 1_555 ? ? ? ? ? ? WATSON-CRICK ?     ? ? 
hydrog6  hydrog ?    ? A DG  2  O6    ? ? ? 1_555 B DC  11 N4 ? ? A DG  2  B DC  23 1_555 ? ? ? ? ? ? WATSON-CRICK ?     ? ? 
hydrog7  hydrog ?    ? A DC  3  N3    ? ? ? 1_555 B DG  10 N1 ? ? A DC  3  B DG  22 1_555 ? ? ? ? ? ? WATSON-CRICK ?     ? ? 
hydrog8  hydrog ?    ? A DC  3  N4    ? ? ? 1_555 B DG  10 O6 ? ? A DC  3  B DG  22 1_555 ? ? ? ? ? ? WATSON-CRICK ?     ? ? 
hydrog9  hydrog ?    ? A DC  3  O2    ? ? ? 1_555 B DG  10 N2 ? ? A DC  3  B DG  22 1_555 ? ? ? ? ? ? WATSON-CRICK ?     ? ? 
hydrog10 hydrog ?    ? A DG  4  N1    ? ? ? 1_555 B CBR 9  N3 ? ? A DG  4  B CBR 21 1_555 ? ? ? ? ? ? WATSON-CRICK ?     ? ? 
hydrog11 hydrog ?    ? A DG  4  N2    ? ? ? 1_555 B CBR 9  O2 ? ? A DG  4  B CBR 21 1_555 ? ? ? ? ? ? WATSON-CRICK ?     ? ? 
hydrog12 hydrog ?    ? A DG  4  O6    ? ? ? 1_555 B CBR 9  N4 ? ? A DG  4  B CBR 21 1_555 ? ? ? ? ? ? WATSON-CRICK ?     ? ? 
hydrog13 hydrog ?    ? A DA  5  N1    ? ? ? 1_555 B DT  8  N3 ? ? A DA  5  B DT  20 1_555 ? ? ? ? ? ? WATSON-CRICK ?     ? ? 
hydrog14 hydrog ?    ? A DA  5  N6    ? ? ? 1_555 B DT  8  O4 ? ? A DA  5  B DT  20 1_555 ? ? ? ? ? ? WATSON-CRICK ?     ? ? 
hydrog15 hydrog ?    ? A DA  6  N1    ? ? ? 1_555 B DT  7  N3 ? ? A DA  6  B DT  19 1_555 ? ? ? ? ? ? WATSON-CRICK ?     ? ? 
hydrog16 hydrog ?    ? A DA  6  N6    ? ? ? 1_555 B DT  7  O4 ? ? A DA  6  B DT  19 1_555 ? ? ? ? ? ? WATSON-CRICK ?     ? ? 
hydrog17 hydrog ?    ? A DT  7  N3    ? ? ? 1_555 B DA  6  N1 ? ? A DT  7  B DA  18 1_555 ? ? ? ? ? ? WATSON-CRICK ?     ? ? 
hydrog18 hydrog ?    ? A DT  7  O4    ? ? ? 1_555 B DA  6  N6 ? ? A DT  7  B DA  18 1_555 ? ? ? ? ? ? WATSON-CRICK ?     ? ? 
hydrog19 hydrog ?    ? A DT  8  N3    ? ? ? 1_555 B DA  5  N1 ? ? A DT  8  B DA  17 1_555 ? ? ? ? ? ? WATSON-CRICK ?     ? ? 
hydrog20 hydrog ?    ? A DT  8  O4    ? ? ? 1_555 B DA  5  N6 ? ? A DT  8  B DA  17 1_555 ? ? ? ? ? ? WATSON-CRICK ?     ? ? 
hydrog21 hydrog ?    ? A CBR 9  N3    ? ? ? 1_555 B DG  4  N1 ? ? A CBR 9  B DG  16 1_555 ? ? ? ? ? ? WATSON-CRICK ?     ? ? 
hydrog22 hydrog ?    ? A CBR 9  N4    ? ? ? 1_555 B DG  4  O6 ? ? A CBR 9  B DG  16 1_555 ? ? ? ? ? ? WATSON-CRICK ?     ? ? 
hydrog23 hydrog ?    ? A CBR 9  O2    ? ? ? 1_555 B DG  4  N2 ? ? A CBR 9  B DG  16 1_555 ? ? ? ? ? ? WATSON-CRICK ?     ? ? 
hydrog24 hydrog ?    ? A DG  10 N1    ? ? ? 1_555 B DC  3  N3 ? ? A DG  10 B DC  15 1_555 ? ? ? ? ? ? WATSON-CRICK ?     ? ? 
hydrog25 hydrog ?    ? A DG  10 N2    ? ? ? 1_555 B DC  3  O2 ? ? A DG  10 B DC  15 1_555 ? ? ? ? ? ? WATSON-CRICK ?     ? ? 
hydrog26 hydrog ?    ? A DG  10 O6    ? ? ? 1_555 B DC  3  N4 ? ? A DG  10 B DC  15 1_555 ? ? ? ? ? ? WATSON-CRICK ?     ? ? 
hydrog27 hydrog ?    ? A DC  11 N3    ? ? ? 1_555 B DG  2  N1 ? ? A DC  11 B DG  14 1_555 ? ? ? ? ? ? WATSON-CRICK ?     ? ? 
hydrog28 hydrog ?    ? A DC  11 N4    ? ? ? 1_555 B DG  2  O6 ? ? A DC  11 B DG  14 1_555 ? ? ? ? ? ? WATSON-CRICK ?     ? ? 
hydrog29 hydrog ?    ? A DC  11 O2    ? ? ? 1_555 B DG  2  N2 ? ? A DC  11 B DG  14 1_555 ? ? ? ? ? ? WATSON-CRICK ?     ? ? 
hydrog30 hydrog ?    ? A DG  12 N1    ? ? ? 1_555 B DC  1  N3 ? ? A DG  12 B DC  13 1_555 ? ? ? ? ? ? WATSON-CRICK ?     ? ? 
hydrog31 hydrog ?    ? A DG  12 N2    ? ? ? 1_555 B DC  1  O2 ? ? A DG  12 B DC  13 1_555 ? ? ? ? ? ? WATSON-CRICK ?     ? ? 
hydrog32 hydrog ?    ? A DG  12 O6    ? ? ? 1_555 B DC  1  N4 ? ? A DG  12 B DC  13 1_555 ? ? ? ? ? ? WATSON-CRICK ?     ? ? 
# 
loop_
_struct_conn_type.id 
_struct_conn_type.criteria 
_struct_conn_type.reference 
covale ? ? 
hydrog ? ? 
# 
loop_
_pdbx_validate_close_contact.id 
_pdbx_validate_close_contact.PDB_model_num 
_pdbx_validate_close_contact.auth_atom_id_1 
_pdbx_validate_close_contact.auth_asym_id_1 
_pdbx_validate_close_contact.auth_comp_id_1 
_pdbx_validate_close_contact.auth_seq_id_1 
_pdbx_validate_close_contact.PDB_ins_code_1 
_pdbx_validate_close_contact.label_alt_id_1 
_pdbx_validate_close_contact.auth_atom_id_2 
_pdbx_validate_close_contact.auth_asym_id_2 
_pdbx_validate_close_contact.auth_comp_id_2 
_pdbx_validate_close_contact.auth_seq_id_2 
_pdbx_validate_close_contact.PDB_ins_code_2 
_pdbx_validate_close_contact.label_alt_id_2 
_pdbx_validate_close_contact.dist 
1 1 OP1 B DG  22 ? ? O B HOH 96  ? ? 1.93 
2 1 O   A HOH 68 ? ? O A HOH 88  ? ? 1.94 
3 1 N7  A DA  6  ? ? O A HOH 100 ? ? 2.14 
4 1 OP1 A DA  5  ? ? O A HOH 99  ? ? 2.16 
5 1 O   A HOH 63 ? ? O B HOH 62  ? ? 2.18 
# 
loop_
_pdbx_validate_rmsd_bond.id 
_pdbx_validate_rmsd_bond.PDB_model_num 
_pdbx_validate_rmsd_bond.auth_atom_id_1 
_pdbx_validate_rmsd_bond.auth_asym_id_1 
_pdbx_validate_rmsd_bond.auth_comp_id_1 
_pdbx_validate_rmsd_bond.auth_seq_id_1 
_pdbx_validate_rmsd_bond.PDB_ins_code_1 
_pdbx_validate_rmsd_bond.label_alt_id_1 
_pdbx_validate_rmsd_bond.auth_atom_id_2 
_pdbx_validate_rmsd_bond.auth_asym_id_2 
_pdbx_validate_rmsd_bond.auth_comp_id_2 
_pdbx_validate_rmsd_bond.auth_seq_id_2 
_pdbx_validate_rmsd_bond.PDB_ins_code_2 
_pdbx_validate_rmsd_bond.label_alt_id_2 
_pdbx_validate_rmsd_bond.bond_value 
_pdbx_validate_rmsd_bond.bond_target_value 
_pdbx_validate_rmsd_bond.bond_deviation 
_pdbx_validate_rmsd_bond.bond_standard_deviation 
_pdbx_validate_rmsd_bond.linker_flag 
1  1 C5 A DC 1  ? ? C6 A DC 1  ? ? 1.390 1.339 0.051  0.008 N 
2  1 C5 A DG 2  ? ? N7 A DG 2  ? ? 1.349 1.388 -0.039 0.006 N 
3  1 N7 A DG 2  ? ? C8 A DG 2  ? ? 1.344 1.305 0.039  0.006 N 
4  1 C5 A DC 3  ? ? C6 A DC 3  ? ? 1.388 1.339 0.049  0.008 N 
5  1 C5 A DG 4  ? ? N7 A DG 4  ? ? 1.346 1.388 -0.042 0.006 N 
6  1 C5 A DA 5  ? ? N7 A DA 5  ? ? 1.349 1.388 -0.039 0.006 N 
7  1 C5 A DA 6  ? ? N7 A DA 6  ? ? 1.352 1.388 -0.036 0.006 N 
8  1 C5 A DT 7  ? ? C6 A DT 7  ? ? 1.395 1.339 0.056  0.007 N 
9  1 C5 A DT 8  ? ? C6 A DT 8  ? ? 1.394 1.339 0.055  0.007 N 
10 1 C5 A DG 10 ? ? N7 A DG 10 ? ? 1.351 1.388 -0.037 0.006 N 
11 1 N7 A DG 10 ? ? C8 A DG 10 ? ? 1.342 1.305 0.037  0.006 N 
12 1 C5 A DC 11 ? ? C6 A DC 11 ? ? 1.393 1.339 0.054  0.008 N 
13 1 C5 A DG 12 ? ? N7 A DG 12 ? ? 1.349 1.388 -0.039 0.006 N 
14 1 N7 A DG 12 ? ? C8 A DG 12 ? ? 1.342 1.305 0.037  0.006 N 
15 1 C5 B DC 13 ? ? C6 B DC 13 ? ? 1.390 1.339 0.051  0.008 N 
16 1 C5 B DG 14 ? ? N7 B DG 14 ? ? 1.347 1.388 -0.041 0.006 N 
17 1 C5 B DC 15 ? ? C6 B DC 15 ? ? 1.395 1.339 0.056  0.008 N 
18 1 C5 B DG 16 ? ? N7 B DG 16 ? ? 1.347 1.388 -0.041 0.006 N 
19 1 N7 B DG 16 ? ? C8 B DG 16 ? ? 1.342 1.305 0.037  0.006 N 
20 1 C5 B DA 17 ? ? N7 B DA 17 ? ? 1.348 1.388 -0.040 0.006 N 
21 1 C5 B DA 18 ? ? N7 B DA 18 ? ? 1.350 1.388 -0.038 0.006 N 
22 1 C5 B DT 19 ? ? C6 B DT 19 ? ? 1.397 1.339 0.058  0.007 N 
23 1 C5 B DT 20 ? ? C6 B DT 20 ? ? 1.391 1.339 0.052  0.007 N 
24 1 N7 B DG 22 ? ? C8 B DG 22 ? ? 1.343 1.305 0.038  0.006 N 
25 1 C5 B DC 23 ? ? C6 B DC 23 ? ? 1.390 1.339 0.051  0.008 N 
26 1 C5 B DG 24 ? ? N7 B DG 24 ? ? 1.348 1.388 -0.040 0.006 N 
27 1 N7 B DG 24 ? ? C8 B DG 24 ? ? 1.343 1.305 0.038  0.006 N 
# 
loop_
_pdbx_validate_rmsd_angle.id 
_pdbx_validate_rmsd_angle.PDB_model_num 
_pdbx_validate_rmsd_angle.auth_atom_id_1 
_pdbx_validate_rmsd_angle.auth_asym_id_1 
_pdbx_validate_rmsd_angle.auth_comp_id_1 
_pdbx_validate_rmsd_angle.auth_seq_id_1 
_pdbx_validate_rmsd_angle.PDB_ins_code_1 
_pdbx_validate_rmsd_angle.label_alt_id_1 
_pdbx_validate_rmsd_angle.auth_atom_id_2 
_pdbx_validate_rmsd_angle.auth_asym_id_2 
_pdbx_validate_rmsd_angle.auth_comp_id_2 
_pdbx_validate_rmsd_angle.auth_seq_id_2 
_pdbx_validate_rmsd_angle.PDB_ins_code_2 
_pdbx_validate_rmsd_angle.label_alt_id_2 
_pdbx_validate_rmsd_angle.auth_atom_id_3 
_pdbx_validate_rmsd_angle.auth_asym_id_3 
_pdbx_validate_rmsd_angle.auth_comp_id_3 
_pdbx_validate_rmsd_angle.auth_seq_id_3 
_pdbx_validate_rmsd_angle.PDB_ins_code_3 
_pdbx_validate_rmsd_angle.label_alt_id_3 
_pdbx_validate_rmsd_angle.angle_value 
_pdbx_validate_rmsd_angle.angle_target_value 
_pdbx_validate_rmsd_angle.angle_deviation 
_pdbx_validate_rmsd_angle.angle_standard_deviation 
_pdbx_validate_rmsd_angle.linker_flag 
1  1 "C3'" A DC  1  ? ? "C2'" A DC  1  ? ? "C1'" A DC 1  ? ? 97.32  102.40 -5.08 0.80 N 
2  1 "O4'" A DC  1  ? ? "C1'" A DC  1  ? ? "C2'" A DC 1  ? ? 100.09 105.90 -5.81 0.80 N 
3  1 "O4'" A DC  3  ? ? "C4'" A DC  3  ? ? "C3'" A DC 3  ? ? 100.58 104.50 -3.92 0.40 N 
4  1 "O4'" A DA  6  ? ? "C1'" A DA  6  ? ? N9    A DA 6  ? ? 103.74 108.00 -4.26 0.70 N 
5  1 "C1'" A DT  7  ? ? "O4'" A DT  7  ? ? "C4'" A DT 7  ? ? 103.75 110.10 -6.35 1.00 N 
6  1 N1    A DT  7  ? ? C2    A DT  7  ? ? N3    A DT 7  ? ? 118.53 114.60 3.93  0.60 N 
7  1 C2    A DT  7  ? ? N3    A DT  7  ? ? C4    A DT 7  ? ? 122.40 127.20 -4.80 0.60 N 
8  1 C5    A DT  7  ? ? C6    A DT  7  ? ? N1    A DT 7  ? ? 119.26 123.70 -4.44 0.60 N 
9  1 "C1'" A DT  8  ? ? "O4'" A DT  8  ? ? "C4'" A DT 8  ? ? 102.91 110.10 -7.19 1.00 N 
10 1 N1    A DT  8  ? ? C2    A DT  8  ? ? N3    A DT 8  ? ? 118.65 114.60 4.05  0.60 N 
11 1 C2    A DT  8  ? ? N3    A DT  8  ? ? C4    A DT 8  ? ? 122.64 127.20 -4.56 0.60 N 
12 1 C5    A DT  8  ? ? C6    A DT  8  ? ? N1    A DT 8  ? ? 119.46 123.70 -4.24 0.60 N 
13 1 "C3'" A DG  10 ? ? "C2'" A DG  10 ? ? "C1'" A DG 10 ? ? 95.87  102.40 -6.53 0.80 N 
14 1 "O4'" A DG  10 ? ? "C1'" A DG  10 ? ? "C2'" A DG 10 ? ? 100.12 105.90 -5.78 0.80 N 
15 1 "O5'" A DG  12 ? ? "C5'" A DG  12 ? ? "C4'" A DG 12 ? ? 103.77 109.40 -5.63 0.80 N 
16 1 "O4'" A DG  12 ? ? "C1'" A DG  12 ? ? N9    A DG 12 ? ? 100.14 108.00 -7.86 0.70 N 
17 1 "O4'" B DC  13 ? ? "C1'" B DC  13 ? ? "C2'" B DC 13 ? ? 99.33  105.90 -6.57 0.80 N 
18 1 C5    B DC  13 ? ? C6    B DC  13 ? ? N1    B DC 13 ? ? 117.97 121.00 -3.03 0.50 N 
19 1 "C3'" B DG  14 ? ? "C2'" B DG  14 ? ? "C1'" B DG 14 ? ? 96.41  102.40 -5.99 0.80 N 
20 1 "O4'" B DG  14 ? ? "C1'" B DG  14 ? ? "C2'" B DG 14 ? ? 99.65  105.90 -6.25 0.80 N 
21 1 "O4'" B DG  14 ? ? "C1'" B DG  14 ? ? N9    B DG 14 ? ? 111.55 108.30 3.25  0.30 N 
22 1 "O4'" B DC  15 ? ? "C4'" B DC  15 ? ? "C3'" B DC 15 ? ? 100.51 104.50 -3.99 0.40 N 
23 1 "C3'" B DG  16 ? ? "C2'" B DG  16 ? ? "C1'" B DG 16 ? ? 95.36  102.40 -7.04 0.80 N 
24 1 "O5'" B DA  17 ? ? "C5'" B DA  17 ? ? "C4'" B DA 17 ? ? 104.37 109.40 -5.03 0.80 N 
25 1 "O4'" B DA  18 ? ? "C1'" B DA  18 ? ? N9    B DA 18 ? ? 103.56 108.00 -4.44 0.70 N 
26 1 "C1'" B DT  19 ? ? "O4'" B DT  19 ? ? "C4'" B DT 19 ? ? 103.00 110.10 -7.10 1.00 N 
27 1 N1    B DT  19 ? ? C2    B DT  19 ? ? N3    B DT 19 ? ? 118.76 114.60 4.16  0.60 N 
28 1 C2    B DT  19 ? ? N3    B DT  19 ? ? C4    B DT 19 ? ? 122.42 127.20 -4.78 0.60 N 
29 1 C5    B DT  19 ? ? C6    B DT  19 ? ? N1    B DT 19 ? ? 119.13 123.70 -4.57 0.60 N 
30 1 N1    B DT  20 ? ? C2    B DT  20 ? ? N3    B DT 20 ? ? 118.42 114.60 3.82  0.60 N 
31 1 C2    B DT  20 ? ? N3    B DT  20 ? ? C4    B DT 20 ? ? 122.26 127.20 -4.94 0.60 N 
32 1 C5    B DT  20 ? ? C6    B DT  20 ? ? N1    B DT 20 ? ? 119.61 123.70 -4.09 0.60 N 
33 1 "C3'" B CBR 21 ? ? "O3'" B CBR 21 ? ? P     B DG 22 ? ? 129.86 119.70 10.16 1.20 Y 
34 1 "C3'" B DG  22 ? ? "C2'" B DG  22 ? ? "C1'" B DG 22 ? ? 94.72  102.40 -7.68 0.80 N 
35 1 "O4'" B DG  22 ? ? "C1'" B DG  22 ? ? N9    B DG 22 ? ? 110.87 108.30 2.57  0.30 N 
36 1 "O4'" B DC  23 ? ? "C1'" B DC  23 ? ? N1    B DC 23 ? ? 102.11 108.00 -5.89 0.70 N 
# 
_pdbx_validate_planes.id              1 
_pdbx_validate_planes.PDB_model_num   1 
_pdbx_validate_planes.auth_comp_id    DA 
_pdbx_validate_planes.auth_asym_id    A 
_pdbx_validate_planes.auth_seq_id     5 
_pdbx_validate_planes.PDB_ins_code    ? 
_pdbx_validate_planes.label_alt_id    ? 
_pdbx_validate_planes.rmsd            0.056 
_pdbx_validate_planes.type            'SIDE CHAIN' 
# 
loop_
_pdbx_struct_mod_residue.id 
_pdbx_struct_mod_residue.label_asym_id 
_pdbx_struct_mod_residue.label_comp_id 
_pdbx_struct_mod_residue.label_seq_id 
_pdbx_struct_mod_residue.auth_asym_id 
_pdbx_struct_mod_residue.auth_comp_id 
_pdbx_struct_mod_residue.auth_seq_id 
_pdbx_struct_mod_residue.PDB_ins_code 
_pdbx_struct_mod_residue.parent_comp_id 
_pdbx_struct_mod_residue.details 
1 A CBR 9 A CBR 9  ? DC ? 
2 B CBR 9 B CBR 21 ? DC ? 
# 
loop_
_refine_B_iso.class 
_refine_B_iso.details 
_refine_B_iso.treatment 
_refine_B_iso.pdbx_refine_id 
'ALL ATOMS'  TR isotropic 'X-RAY DIFFRACTION' 
'ALL WATERS' TR isotropic 'X-RAY DIFFRACTION' 
# 
loop_
_refine_occupancy.class 
_refine_occupancy.treatment 
_refine_occupancy.pdbx_refine_id 
'ALL ATOMS'  fix 'X-RAY DIFFRACTION' 
'ALL WATERS' fix 'X-RAY DIFFRACTION' 
# 
loop_
_chem_comp_atom.comp_id 
_chem_comp_atom.atom_id 
_chem_comp_atom.type_symbol 
_chem_comp_atom.pdbx_aromatic_flag 
_chem_comp_atom.pdbx_stereo_config 
_chem_comp_atom.pdbx_ordinal 
CBR BR     BR N N 1   
CBR P      P  N N 2   
CBR OP1    O  N N 3   
CBR OP2    O  N N 4   
CBR "O5'"  O  N N 5   
CBR N1     N  N N 6   
CBR C6     C  N N 7   
CBR C2     C  N N 8   
CBR O2     O  N N 9   
CBR N3     N  N N 10  
CBR C4     C  N N 11  
CBR N4     N  N N 12  
CBR C5     C  N N 13  
CBR "C2'"  C  N N 14  
CBR "C5'"  C  N N 15  
CBR "C4'"  C  N R 16  
CBR "O4'"  O  N N 17  
CBR "C1'"  C  N R 18  
CBR "C3'"  C  N S 19  
CBR "O3'"  O  N N 20  
CBR OP3    O  N N 21  
CBR HOP2   H  N N 22  
CBR H6     H  N N 23  
CBR H41    H  N N 24  
CBR H42    H  N N 25  
CBR "H2'"  H  N N 26  
CBR "H2''" H  N N 27  
CBR "H5'"  H  N N 28  
CBR "H5''" H  N N 29  
CBR "H4'"  H  N N 30  
CBR "H1'"  H  N N 31  
CBR "H3'"  H  N N 32  
CBR "HO3'" H  N N 33  
CBR HOP3   H  N N 34  
DA  OP3    O  N N 35  
DA  P      P  N N 36  
DA  OP1    O  N N 37  
DA  OP2    O  N N 38  
DA  "O5'"  O  N N 39  
DA  "C5'"  C  N N 40  
DA  "C4'"  C  N R 41  
DA  "O4'"  O  N N 42  
DA  "C3'"  C  N S 43  
DA  "O3'"  O  N N 44  
DA  "C2'"  C  N N 45  
DA  "C1'"  C  N R 46  
DA  N9     N  Y N 47  
DA  C8     C  Y N 48  
DA  N7     N  Y N 49  
DA  C5     C  Y N 50  
DA  C6     C  Y N 51  
DA  N6     N  N N 52  
DA  N1     N  Y N 53  
DA  C2     C  Y N 54  
DA  N3     N  Y N 55  
DA  C4     C  Y N 56  
DA  HOP3   H  N N 57  
DA  HOP2   H  N N 58  
DA  "H5'"  H  N N 59  
DA  "H5''" H  N N 60  
DA  "H4'"  H  N N 61  
DA  "H3'"  H  N N 62  
DA  "HO3'" H  N N 63  
DA  "H2'"  H  N N 64  
DA  "H2''" H  N N 65  
DA  "H1'"  H  N N 66  
DA  H8     H  N N 67  
DA  H61    H  N N 68  
DA  H62    H  N N 69  
DA  H2     H  N N 70  
DC  OP3    O  N N 71  
DC  P      P  N N 72  
DC  OP1    O  N N 73  
DC  OP2    O  N N 74  
DC  "O5'"  O  N N 75  
DC  "C5'"  C  N N 76  
DC  "C4'"  C  N R 77  
DC  "O4'"  O  N N 78  
DC  "C3'"  C  N S 79  
DC  "O3'"  O  N N 80  
DC  "C2'"  C  N N 81  
DC  "C1'"  C  N R 82  
DC  N1     N  N N 83  
DC  C2     C  N N 84  
DC  O2     O  N N 85  
DC  N3     N  N N 86  
DC  C4     C  N N 87  
DC  N4     N  N N 88  
DC  C5     C  N N 89  
DC  C6     C  N N 90  
DC  HOP3   H  N N 91  
DC  HOP2   H  N N 92  
DC  "H5'"  H  N N 93  
DC  "H5''" H  N N 94  
DC  "H4'"  H  N N 95  
DC  "H3'"  H  N N 96  
DC  "HO3'" H  N N 97  
DC  "H2'"  H  N N 98  
DC  "H2''" H  N N 99  
DC  "H1'"  H  N N 100 
DC  H41    H  N N 101 
DC  H42    H  N N 102 
DC  H5     H  N N 103 
DC  H6     H  N N 104 
DG  OP3    O  N N 105 
DG  P      P  N N 106 
DG  OP1    O  N N 107 
DG  OP2    O  N N 108 
DG  "O5'"  O  N N 109 
DG  "C5'"  C  N N 110 
DG  "C4'"  C  N R 111 
DG  "O4'"  O  N N 112 
DG  "C3'"  C  N S 113 
DG  "O3'"  O  N N 114 
DG  "C2'"  C  N N 115 
DG  "C1'"  C  N R 116 
DG  N9     N  Y N 117 
DG  C8     C  Y N 118 
DG  N7     N  Y N 119 
DG  C5     C  Y N 120 
DG  C6     C  N N 121 
DG  O6     O  N N 122 
DG  N1     N  N N 123 
DG  C2     C  N N 124 
DG  N2     N  N N 125 
DG  N3     N  N N 126 
DG  C4     C  Y N 127 
DG  HOP3   H  N N 128 
DG  HOP2   H  N N 129 
DG  "H5'"  H  N N 130 
DG  "H5''" H  N N 131 
DG  "H4'"  H  N N 132 
DG  "H3'"  H  N N 133 
DG  "HO3'" H  N N 134 
DG  "H2'"  H  N N 135 
DG  "H2''" H  N N 136 
DG  "H1'"  H  N N 137 
DG  H8     H  N N 138 
DG  H1     H  N N 139 
DG  H21    H  N N 140 
DG  H22    H  N N 141 
DT  OP3    O  N N 142 
DT  P      P  N N 143 
DT  OP1    O  N N 144 
DT  OP2    O  N N 145 
DT  "O5'"  O  N N 146 
DT  "C5'"  C  N N 147 
DT  "C4'"  C  N R 148 
DT  "O4'"  O  N N 149 
DT  "C3'"  C  N S 150 
DT  "O3'"  O  N N 151 
DT  "C2'"  C  N N 152 
DT  "C1'"  C  N R 153 
DT  N1     N  N N 154 
DT  C2     C  N N 155 
DT  O2     O  N N 156 
DT  N3     N  N N 157 
DT  C4     C  N N 158 
DT  O4     O  N N 159 
DT  C5     C  N N 160 
DT  C7     C  N N 161 
DT  C6     C  N N 162 
DT  HOP3   H  N N 163 
DT  HOP2   H  N N 164 
DT  "H5'"  H  N N 165 
DT  "H5''" H  N N 166 
DT  "H4'"  H  N N 167 
DT  "H3'"  H  N N 168 
DT  "HO3'" H  N N 169 
DT  "H2'"  H  N N 170 
DT  "H2''" H  N N 171 
DT  "H1'"  H  N N 172 
DT  H3     H  N N 173 
DT  H71    H  N N 174 
DT  H72    H  N N 175 
DT  H73    H  N N 176 
DT  H6     H  N N 177 
HOH O      O  N N 178 
HOH H1     H  N N 179 
HOH H2     H  N N 180 
# 
loop_
_chem_comp_bond.comp_id 
_chem_comp_bond.atom_id_1 
_chem_comp_bond.atom_id_2 
_chem_comp_bond.value_order 
_chem_comp_bond.pdbx_aromatic_flag 
_chem_comp_bond.pdbx_stereo_config 
_chem_comp_bond.pdbx_ordinal 
CBR BR    C5     sing N N 1   
CBR P     OP1    doub N N 2   
CBR P     OP2    sing N N 3   
CBR P     "O5'"  sing N N 4   
CBR P     OP3    sing N N 5   
CBR OP2   HOP2   sing N N 6   
CBR "O5'" "C5'"  sing N N 7   
CBR N1    C6     sing N N 8   
CBR N1    C2     sing N N 9   
CBR N1    "C1'"  sing N N 10  
CBR C6    C5     doub N N 11  
CBR C6    H6     sing N N 12  
CBR C2    O2     doub N N 13  
CBR C2    N3     sing N N 14  
CBR N3    C4     doub N N 15  
CBR C4    N4     sing N N 16  
CBR C4    C5     sing N N 17  
CBR N4    H41    sing N N 18  
CBR N4    H42    sing N N 19  
CBR "C2'" "C1'"  sing N N 20  
CBR "C2'" "C3'"  sing N N 21  
CBR "C2'" "H2'"  sing N N 22  
CBR "C2'" "H2''" sing N N 23  
CBR "C5'" "C4'"  sing N N 24  
CBR "C5'" "H5'"  sing N N 25  
CBR "C5'" "H5''" sing N N 26  
CBR "C4'" "O4'"  sing N N 27  
CBR "C4'" "C3'"  sing N N 28  
CBR "C4'" "H4'"  sing N N 29  
CBR "O4'" "C1'"  sing N N 30  
CBR "C1'" "H1'"  sing N N 31  
CBR "C3'" "O3'"  sing N N 32  
CBR "C3'" "H3'"  sing N N 33  
CBR "O3'" "HO3'" sing N N 34  
CBR OP3   HOP3   sing N N 35  
DA  OP3   P      sing N N 36  
DA  OP3   HOP3   sing N N 37  
DA  P     OP1    doub N N 38  
DA  P     OP2    sing N N 39  
DA  P     "O5'"  sing N N 40  
DA  OP2   HOP2   sing N N 41  
DA  "O5'" "C5'"  sing N N 42  
DA  "C5'" "C4'"  sing N N 43  
DA  "C5'" "H5'"  sing N N 44  
DA  "C5'" "H5''" sing N N 45  
DA  "C4'" "O4'"  sing N N 46  
DA  "C4'" "C3'"  sing N N 47  
DA  "C4'" "H4'"  sing N N 48  
DA  "O4'" "C1'"  sing N N 49  
DA  "C3'" "O3'"  sing N N 50  
DA  "C3'" "C2'"  sing N N 51  
DA  "C3'" "H3'"  sing N N 52  
DA  "O3'" "HO3'" sing N N 53  
DA  "C2'" "C1'"  sing N N 54  
DA  "C2'" "H2'"  sing N N 55  
DA  "C2'" "H2''" sing N N 56  
DA  "C1'" N9     sing N N 57  
DA  "C1'" "H1'"  sing N N 58  
DA  N9    C8     sing Y N 59  
DA  N9    C4     sing Y N 60  
DA  C8    N7     doub Y N 61  
DA  C8    H8     sing N N 62  
DA  N7    C5     sing Y N 63  
DA  C5    C6     sing Y N 64  
DA  C5    C4     doub Y N 65  
DA  C6    N6     sing N N 66  
DA  C6    N1     doub Y N 67  
DA  N6    H61    sing N N 68  
DA  N6    H62    sing N N 69  
DA  N1    C2     sing Y N 70  
DA  C2    N3     doub Y N 71  
DA  C2    H2     sing N N 72  
DA  N3    C4     sing Y N 73  
DC  OP3   P      sing N N 74  
DC  OP3   HOP3   sing N N 75  
DC  P     OP1    doub N N 76  
DC  P     OP2    sing N N 77  
DC  P     "O5'"  sing N N 78  
DC  OP2   HOP2   sing N N 79  
DC  "O5'" "C5'"  sing N N 80  
DC  "C5'" "C4'"  sing N N 81  
DC  "C5'" "H5'"  sing N N 82  
DC  "C5'" "H5''" sing N N 83  
DC  "C4'" "O4'"  sing N N 84  
DC  "C4'" "C3'"  sing N N 85  
DC  "C4'" "H4'"  sing N N 86  
DC  "O4'" "C1'"  sing N N 87  
DC  "C3'" "O3'"  sing N N 88  
DC  "C3'" "C2'"  sing N N 89  
DC  "C3'" "H3'"  sing N N 90  
DC  "O3'" "HO3'" sing N N 91  
DC  "C2'" "C1'"  sing N N 92  
DC  "C2'" "H2'"  sing N N 93  
DC  "C2'" "H2''" sing N N 94  
DC  "C1'" N1     sing N N 95  
DC  "C1'" "H1'"  sing N N 96  
DC  N1    C2     sing N N 97  
DC  N1    C6     sing N N 98  
DC  C2    O2     doub N N 99  
DC  C2    N3     sing N N 100 
DC  N3    C4     doub N N 101 
DC  C4    N4     sing N N 102 
DC  C4    C5     sing N N 103 
DC  N4    H41    sing N N 104 
DC  N4    H42    sing N N 105 
DC  C5    C6     doub N N 106 
DC  C5    H5     sing N N 107 
DC  C6    H6     sing N N 108 
DG  OP3   P      sing N N 109 
DG  OP3   HOP3   sing N N 110 
DG  P     OP1    doub N N 111 
DG  P     OP2    sing N N 112 
DG  P     "O5'"  sing N N 113 
DG  OP2   HOP2   sing N N 114 
DG  "O5'" "C5'"  sing N N 115 
DG  "C5'" "C4'"  sing N N 116 
DG  "C5'" "H5'"  sing N N 117 
DG  "C5'" "H5''" sing N N 118 
DG  "C4'" "O4'"  sing N N 119 
DG  "C4'" "C3'"  sing N N 120 
DG  "C4'" "H4'"  sing N N 121 
DG  "O4'" "C1'"  sing N N 122 
DG  "C3'" "O3'"  sing N N 123 
DG  "C3'" "C2'"  sing N N 124 
DG  "C3'" "H3'"  sing N N 125 
DG  "O3'" "HO3'" sing N N 126 
DG  "C2'" "C1'"  sing N N 127 
DG  "C2'" "H2'"  sing N N 128 
DG  "C2'" "H2''" sing N N 129 
DG  "C1'" N9     sing N N 130 
DG  "C1'" "H1'"  sing N N 131 
DG  N9    C8     sing Y N 132 
DG  N9    C4     sing Y N 133 
DG  C8    N7     doub Y N 134 
DG  C8    H8     sing N N 135 
DG  N7    C5     sing Y N 136 
DG  C5    C6     sing N N 137 
DG  C5    C4     doub Y N 138 
DG  C6    O6     doub N N 139 
DG  C6    N1     sing N N 140 
DG  N1    C2     sing N N 141 
DG  N1    H1     sing N N 142 
DG  C2    N2     sing N N 143 
DG  C2    N3     doub N N 144 
DG  N2    H21    sing N N 145 
DG  N2    H22    sing N N 146 
DG  N3    C4     sing N N 147 
DT  OP3   P      sing N N 148 
DT  OP3   HOP3   sing N N 149 
DT  P     OP1    doub N N 150 
DT  P     OP2    sing N N 151 
DT  P     "O5'"  sing N N 152 
DT  OP2   HOP2   sing N N 153 
DT  "O5'" "C5'"  sing N N 154 
DT  "C5'" "C4'"  sing N N 155 
DT  "C5'" "H5'"  sing N N 156 
DT  "C5'" "H5''" sing N N 157 
DT  "C4'" "O4'"  sing N N 158 
DT  "C4'" "C3'"  sing N N 159 
DT  "C4'" "H4'"  sing N N 160 
DT  "O4'" "C1'"  sing N N 161 
DT  "C3'" "O3'"  sing N N 162 
DT  "C3'" "C2'"  sing N N 163 
DT  "C3'" "H3'"  sing N N 164 
DT  "O3'" "HO3'" sing N N 165 
DT  "C2'" "C1'"  sing N N 166 
DT  "C2'" "H2'"  sing N N 167 
DT  "C2'" "H2''" sing N N 168 
DT  "C1'" N1     sing N N 169 
DT  "C1'" "H1'"  sing N N 170 
DT  N1    C2     sing N N 171 
DT  N1    C6     sing N N 172 
DT  C2    O2     doub N N 173 
DT  C2    N3     sing N N 174 
DT  N3    C4     sing N N 175 
DT  N3    H3     sing N N 176 
DT  C4    O4     doub N N 177 
DT  C4    C5     sing N N 178 
DT  C5    C7     sing N N 179 
DT  C5    C6     doub N N 180 
DT  C7    H71    sing N N 181 
DT  C7    H72    sing N N 182 
DT  C7    H73    sing N N 183 
DT  C6    H6     sing N N 184 
HOH O     H1     sing N N 185 
HOH O     H2     sing N N 186 
# 
loop_
_ndb_struct_conf_na.entry_id 
_ndb_struct_conf_na.feature 
4BNA 'double helix'        
4BNA 'b-form double helix' 
# 
loop_
_ndb_struct_na_base_pair.model_number 
_ndb_struct_na_base_pair.i_label_asym_id 
_ndb_struct_na_base_pair.i_label_comp_id 
_ndb_struct_na_base_pair.i_label_seq_id 
_ndb_struct_na_base_pair.i_symmetry 
_ndb_struct_na_base_pair.j_label_asym_id 
_ndb_struct_na_base_pair.j_label_comp_id 
_ndb_struct_na_base_pair.j_label_seq_id 
_ndb_struct_na_base_pair.j_symmetry 
_ndb_struct_na_base_pair.shear 
_ndb_struct_na_base_pair.stretch 
_ndb_struct_na_base_pair.stagger 
_ndb_struct_na_base_pair.buckle 
_ndb_struct_na_base_pair.propeller 
_ndb_struct_na_base_pair.opening 
_ndb_struct_na_base_pair.pair_number 
_ndb_struct_na_base_pair.pair_name 
_ndb_struct_na_base_pair.i_auth_asym_id 
_ndb_struct_na_base_pair.i_auth_seq_id 
_ndb_struct_na_base_pair.i_PDB_ins_code 
_ndb_struct_na_base_pair.j_auth_asym_id 
_ndb_struct_na_base_pair.j_auth_seq_id 
_ndb_struct_na_base_pair.j_PDB_ins_code 
_ndb_struct_na_base_pair.hbond_type_28 
_ndb_struct_na_base_pair.hbond_type_12 
1 A DC  1  1_555 B DG  12 1_555 -0.836 -0.194 0.415  -1.873  -14.702 -1.820  1  A_DC1:DG24_B  A 1  ? B 24 ? 19 1 
1 A DG  2  1_555 B DC  11 1_555 -0.250 -0.339 1.211  15.461  -7.843  -3.329  2  A_DG2:DC23_B  A 2  ? B 23 ? 19 1 
1 A DC  3  1_555 B DG  10 1_555 0.447  -0.341 0.329  -4.236  -4.856  -3.758  3  A_DC3:DG22_B  A 3  ? B 22 ? 19 1 
1 A DG  4  1_555 B CBR 9  1_555 0.438  -0.006 0.283  17.272  -12.904 -3.094  4  A_DG4:CBR21_B A 4  ? B 21 ? 19 1 
1 A DA  5  1_555 B DT  8  1_555 0.488  0.009  0.069  10.097  -22.360 1.267   5  A_DA5:DT20_B  A 5  ? B 20 ? 20 1 
1 A DA  6  1_555 B DT  7  1_555 -0.294 -0.226 0.455  2.762   -21.697 3.951   6  A_DA6:DT19_B  A 6  ? B 19 ? 20 1 
1 A DT  7  1_555 B DA  6  1_555 -0.321 0.005  0.280  -2.319  -22.066 6.900   7  A_DT7:DA18_B  A 7  ? B 18 ? 20 1 
1 A DT  8  1_555 B DA  5  1_555 0.220  -0.205 0.159  -10.118 -21.942 2.475   8  A_DT8:DA17_B  A 8  ? B 17 ? 20 1 
1 A CBR 9  1_555 B DG  4  1_555 -0.209 -0.062 -0.090 -18.464 -12.285 -3.888  9  A_CBR9:DG16_B A 9  ? B 16 ? 19 1 
1 A DG  10 1_555 B DC  3  1_555 0.020  -0.120 0.568  6.268   -0.093  -0.357  10 A_DG10:DC15_B A 10 ? B 15 ? 19 1 
1 A DC  11 1_555 B DG  2  1_555 0.049  -0.167 -0.055 4.966   -21.510 -12.252 11 A_DC11:DG14_B A 11 ? B 14 ? 19 1 
1 A DG  12 1_555 B DC  1  1_555 0.068  -0.028 0.336  16.497  21.546  -2.922  12 A_DG12:DC13_B A 12 ? B 13 ? 19 1 
# 
loop_
_ndb_struct_na_base_pair_step.model_number 
_ndb_struct_na_base_pair_step.i_label_asym_id_1 
_ndb_struct_na_base_pair_step.i_label_comp_id_1 
_ndb_struct_na_base_pair_step.i_label_seq_id_1 
_ndb_struct_na_base_pair_step.i_symmetry_1 
_ndb_struct_na_base_pair_step.j_label_asym_id_1 
_ndb_struct_na_base_pair_step.j_label_comp_id_1 
_ndb_struct_na_base_pair_step.j_label_seq_id_1 
_ndb_struct_na_base_pair_step.j_symmetry_1 
_ndb_struct_na_base_pair_step.i_label_asym_id_2 
_ndb_struct_na_base_pair_step.i_label_comp_id_2 
_ndb_struct_na_base_pair_step.i_label_seq_id_2 
_ndb_struct_na_base_pair_step.i_symmetry_2 
_ndb_struct_na_base_pair_step.j_label_asym_id_2 
_ndb_struct_na_base_pair_step.j_label_comp_id_2 
_ndb_struct_na_base_pair_step.j_label_seq_id_2 
_ndb_struct_na_base_pair_step.j_symmetry_2 
_ndb_struct_na_base_pair_step.shift 
_ndb_struct_na_base_pair_step.slide 
_ndb_struct_na_base_pair_step.rise 
_ndb_struct_na_base_pair_step.tilt 
_ndb_struct_na_base_pair_step.roll 
_ndb_struct_na_base_pair_step.twist 
_ndb_struct_na_base_pair_step.x_displacement 
_ndb_struct_na_base_pair_step.y_displacement 
_ndb_struct_na_base_pair_step.helical_rise 
_ndb_struct_na_base_pair_step.inclination 
_ndb_struct_na_base_pair_step.tip 
_ndb_struct_na_base_pair_step.helical_twist 
_ndb_struct_na_base_pair_step.step_number 
_ndb_struct_na_base_pair_step.step_name 
_ndb_struct_na_base_pair_step.i_auth_asym_id_1 
_ndb_struct_na_base_pair_step.i_auth_seq_id_1 
_ndb_struct_na_base_pair_step.i_PDB_ins_code_1 
_ndb_struct_na_base_pair_step.j_auth_asym_id_1 
_ndb_struct_na_base_pair_step.j_auth_seq_id_1 
_ndb_struct_na_base_pair_step.j_PDB_ins_code_1 
_ndb_struct_na_base_pair_step.i_auth_asym_id_2 
_ndb_struct_na_base_pair_step.i_auth_seq_id_2 
_ndb_struct_na_base_pair_step.i_PDB_ins_code_2 
_ndb_struct_na_base_pair_step.j_auth_asym_id_2 
_ndb_struct_na_base_pair_step.j_auth_seq_id_2 
_ndb_struct_na_base_pair_step.j_PDB_ins_code_2 
1 A DC  1  1_555 B DG  12 1_555 A DG  2  1_555 B DC  11 1_555 -0.036 -0.030 2.929 -6.495 -1.927  38.715 0.161  -0.641 2.896 -2.879 
9.707   39.280 1  AA_DC1DG2:DC23DG24_BB   A 1  ? B 24 ? A 2  ? B 23 ? 
1 A DG  2  1_555 B DC  11 1_555 A DC  3  1_555 B DG  10 1_555 0.828  0.048  4.003 9.947  -8.581  44.042 0.993  0.018  4.014 
-11.151 -12.926 45.866 2  AA_DG2DC3:DG22DC23_BB   A 2  ? B 23 ? A 3  ? B 22 ? 
1 A DC  3  1_555 B DG  10 1_555 A DG  4  1_555 B CBR 9  1_555 -0.594 0.543  2.916 1.837  2.230   28.892 0.646  1.546  2.907 4.456 
-3.671  29.033 3  AA_DC3DG4:CBR21DG22_BB  A 3  ? B 22 ? A 4  ? B 21 ? 
1 A DG  4  1_555 B CBR 9  1_555 A DA  5  1_555 B DT  8  1_555 0.019  -0.326 3.463 1.965  -5.708  38.664 0.244  0.223  3.472 -8.558 
-2.946  39.115 4  AA_DG4DA5:DT20CBR21_BB  A 4  ? B 21 ? A 5  ? B 20 ? 
1 A DA  5  1_555 B DT  8  1_555 A DA  6  1_555 B DT  7  1_555 0.377  -0.497 3.224 -1.897 3.538   35.384 -1.314 -0.886 3.138 5.799 
3.109   35.603 5  AA_DA5DA6:DT19DT20_BB   A 5  ? B 20 ? A 6  ? B 19 ? 
1 A DA  6  1_555 B DT  7  1_555 A DT  7  1_555 B DA  6  1_555 0.076  -0.547 3.380 1.240  -1.681  30.915 -0.688 0.106  3.404 -3.149 
-2.324  30.984 6  AA_DA6DT7:DA18DT19_BB   A 6  ? B 19 ? A 7  ? B 18 ? 
1 A DT  7  1_555 B DA  6  1_555 A DT  8  1_555 B DA  5  1_555 -0.091 -0.275 3.430 1.557  1.547   36.373 -0.664 0.371  3.410 2.475 
-2.491  36.437 7  AA_DT7DT8:DA17DA18_BB   A 7  ? B 18 ? A 8  ? B 17 ? 
1 A DT  8  1_555 B DA  5  1_555 A CBR 9  1_555 B DG  4  1_555 -0.419 0.013  3.468 1.567  -6.989  41.109 0.798  0.764  3.404 -9.863 
-2.211  41.701 8  AA_DT8CBR9:DG16DA17_BB  A 8  ? B 17 ? A 9  ? B 16 ? 
1 A CBR 9  1_555 B DG  4  1_555 A DG  10 1_555 B DC  3  1_555 0.711  0.537  2.914 -5.498 4.318   28.805 0.244  -2.416 2.782 8.522 
10.850  29.624 9  AA_CBR9DG10:DC15DG16_BB A 9  ? B 16 ? A 10 ? B 15 ? 
1 A DG  10 1_555 B DC  3  1_555 A DC  11 1_555 B DG  2  1_555 -1.339 0.493  3.533 2.730  -14.697 42.344 2.049  2.018  3.117 
-19.628 -3.647  44.790 10 AA_DG10DC11:DG14DC15_BB A 10 ? B 15 ? A 11 ? B 14 ? 
1 A DC  11 1_555 B DG  2  1_555 A DG  12 1_555 B DC  1  1_555 1.291  -0.061 3.517 -4.063 -11.671 35.133 1.553  -2.598 3.212 
-18.637 6.488   37.178 11 AA_DC11DG12:DC13DG14_BB A 11 ? B 14 ? A 12 ? B 13 ? 
# 
_atom_sites.entry_id                    4BNA 
_atom_sites.fract_transf_matrix[1][1]   -0.02335630 
_atom_sites.fract_transf_matrix[1][2]   -0.03406685 
_atom_sites.fract_transf_matrix[1][3]   0.00120046 
_atom_sites.fract_transf_matrix[2][1]   -0.01687036 
_atom_sites.fract_transf_matrix[2][2]   0.01205498 
_atom_sites.fract_transf_matrix[2][3]   0.01386620 
_atom_sites.fract_transf_matrix[3][1]   -0.00738585 
_atom_sites.fract_transf_matrix[3][2]   0.00460599 
_atom_sites.fract_transf_matrix[3][3]   -0.01299037 
_atom_sites.fract_transf_vector[1]      0.566826 
_atom_sites.fract_transf_vector[2]      0.553795 
_atom_sites.fract_transf_vector[3]      0.118612 
# 
loop_
_atom_type.symbol 
BR 
C  
N  
O  
P  
# 
loop_
_atom_site.group_PDB 
_atom_site.id 
_atom_site.type_symbol 
_atom_site.label_atom_id 
_atom_site.label_alt_id 
_atom_site.label_comp_id 
_atom_site.label_asym_id 
_atom_site.label_entity_id 
_atom_site.label_seq_id 
_atom_site.pdbx_PDB_ins_code 
_atom_site.Cartn_x 
_atom_site.Cartn_y 
_atom_site.Cartn_z 
_atom_site.occupancy 
_atom_site.B_iso_or_equiv 
_atom_site.pdbx_formal_charge 
_atom_site.auth_seq_id 
_atom_site.auth_comp_id 
_atom_site.auth_asym_id 
_atom_site.auth_atom_id 
_atom_site.pdbx_PDB_model_num 
ATOM   1   O  "O5'" . DC  A 1 1  ? -19.471 7.540   -6.786  1.00 41.15 ? 1   DC  A "O5'" 1 
ATOM   2   C  "C5'" . DC  A 1 1  ? -19.389 6.586   -5.704  1.00 21.85 ? 1   DC  A "C5'" 1 
ATOM   3   C  "C4'" . DC  A 1 1  ? -18.951 5.233   -6.224  1.00 20.49 ? 1   DC  A "C4'" 1 
ATOM   4   O  "O4'" . DC  A 1 1  ? -17.889 5.404   -7.177  1.00 25.33 ? 1   DC  A "O4'" 1 
ATOM   5   C  "C3'" . DC  A 1 1  ? -18.385 4.267   -5.184  1.00 35.76 ? 1   DC  A "C3'" 1 
ATOM   6   O  "O3'" . DC  A 1 1  ? -18.784 2.908   -5.435  1.00 26.49 ? 1   DC  A "O3'" 1 
ATOM   7   C  "C2'" . DC  A 1 1  ? -16.884 4.502   -5.366  1.00 29.32 ? 1   DC  A "C2'" 1 
ATOM   8   C  "C1'" . DC  A 1 1  ? -16.862 4.450   -6.878  1.00 6.29  ? 1   DC  A "C1'" 1 
ATOM   9   N  N1    . DC  A 1 1  ? -15.630 5.003   -7.495  1.00 14.88 ? 1   DC  A N1    1 
ATOM   10  C  C2    . DC  A 1 1  ? -15.041 4.328   -8.519  1.00 9.95  ? 1   DC  A C2    1 
ATOM   11  O  O2    . DC  A 1 1  ? -15.474 3.218   -8.808  1.00 4.28  ? 1   DC  A O2    1 
ATOM   12  N  N3    . DC  A 1 1  ? -14.019 4.878   -9.185  1.00 13.24 ? 1   DC  A N3    1 
ATOM   13  C  C4    . DC  A 1 1  ? -13.563 6.086   -8.846  1.00 24.67 ? 1   DC  A C4    1 
ATOM   14  N  N4    . DC  A 1 1  ? -12.522 6.639   -9.532  1.00 14.13 ? 1   DC  A N4    1 
ATOM   15  C  C5    . DC  A 1 1  ? -14.131 6.803   -7.793  1.00 5.74  ? 1   DC  A C5    1 
ATOM   16  C  C6    . DC  A 1 1  ? -15.202 6.237   -7.113  1.00 13.38 ? 1   DC  A C6    1 
ATOM   17  P  P     . DG  A 1 2  ? -18.605 1.791   -4.306  1.00 32.73 ? 2   DG  A P     1 
ATOM   18  O  OP1   . DG  A 1 2  ? -19.878 1.021   -4.210  1.00 31.46 ? 2   DG  A OP1   1 
ATOM   19  O  OP2   . DG  A 1 2  ? -18.093 2.413   -3.065  1.00 35.78 ? 2   DG  A OP2   1 
ATOM   20  O  "O5'" . DG  A 1 2  ? -17.446 0.856   -4.889  1.00 6.39  ? 2   DG  A "O5'" 1 
ATOM   21  C  "C5'" . DG  A 1 2  ? -17.699 0.024   -6.032  1.00 24.24 ? 2   DG  A "C5'" 1 
ATOM   22  C  "C4'" . DG  A 1 2  ? -16.400 -0.671  -6.334  1.00 34.69 ? 2   DG  A "C4'" 1 
ATOM   23  O  "O4'" . DG  A 1 2  ? -15.482 0.345   -6.739  1.00 11.57 ? 2   DG  A "O4'" 1 
ATOM   24  C  "C3'" . DG  A 1 2  ? -15.740 -1.406  -5.164  1.00 31.82 ? 2   DG  A "C3'" 1 
ATOM   25  O  "O3'" . DG  A 1 2  ? -15.548 -2.814  -5.447  1.00 36.94 ? 2   DG  A "O3'" 1 
ATOM   26  C  "C2'" . DG  A 1 2  ? -14.461 -0.583  -4.923  1.00 12.08 ? 2   DG  A "C2'" 1 
ATOM   27  C  "C1'" . DG  A 1 2  ? -14.177 -0.058  -6.321  1.00 14.11 ? 2   DG  A "C1'" 1 
ATOM   28  N  N9    . DG  A 1 2  ? -13.375 1.203   -6.317  1.00 15.33 ? 2   DG  A N9    1 
ATOM   29  C  C8    . DG  A 1 2  ? -13.472 2.282   -5.474  1.00 25.91 ? 2   DG  A C8    1 
ATOM   30  N  N7    . DG  A 1 2  ? -12.660 3.295   -5.823  1.00 9.70  ? 2   DG  A N7    1 
ATOM   31  C  C5    . DG  A 1 2  ? -12.028 2.841   -6.925  1.00 3.36  ? 2   DG  A C5    1 
ATOM   32  C  C6    . DG  A 1 2  ? -11.054 3.484   -7.750  1.00 -2.73 ? 2   DG  A C6    1 
ATOM   33  O  O6    . DG  A 1 2  ? -10.572 4.612   -7.648  1.00 5.22  ? 2   DG  A O6    1 
ATOM   34  N  N1    . DG  A 1 2  ? -10.631 2.655   -8.762  1.00 3.69  ? 2   DG  A N1    1 
ATOM   35  C  C2    . DG  A 1 2  ? -11.063 1.384   -9.019  1.00 5.81  ? 2   DG  A C2    1 
ATOM   36  N  N2    . DG  A 1 2  ? -10.487 0.716   -10.059 1.00 0.81  ? 2   DG  A N2    1 
ATOM   37  N  N3    . DG  A 1 2  ? -11.997 0.794   -8.272  1.00 17.30 ? 2   DG  A N3    1 
ATOM   38  C  C4    . DG  A 1 2  ? -12.426 1.570   -7.247  1.00 7.41  ? 2   DG  A C4    1 
ATOM   39  P  P     . DC  A 1 3  ? -14.777 -3.820  -4.455  1.00 21.06 ? 3   DC  A P     1 
ATOM   40  O  OP1   . DC  A 1 3  ? -15.429 -5.152  -4.558  1.00 29.66 ? 3   DC  A OP1   1 
ATOM   41  O  OP2   . DC  A 1 3  ? -14.657 -3.267  -3.095  1.00 25.50 ? 3   DC  A OP2   1 
ATOM   42  O  "O5'" . DC  A 1 3  ? -13.312 -3.904  -5.104  1.00 3.49  ? 3   DC  A "O5'" 1 
ATOM   43  C  "C5'" . DC  A 1 3  ? -13.152 -4.397  -6.455  1.00 11.45 ? 3   DC  A "C5'" 1 
ATOM   44  C  "C4'" . DC  A 1 3  ? -11.792 -3.963  -6.931  1.00 15.19 ? 3   DC  A "C4'" 1 
ATOM   45  O  "O4'" . DC  A 1 3  ? -11.660 -2.576  -6.624  1.00 19.57 ? 3   DC  A "O4'" 1 
ATOM   46  C  "C3'" . DC  A 1 3  ? -10.610 -4.526  -6.181  1.00 14.03 ? 3   DC  A "C3'" 1 
ATOM   47  O  "O3'" . DC  A 1 3  ? -10.311 -5.874  -6.560  1.00 35.51 ? 3   DC  A "O3'" 1 
ATOM   48  C  "C2'" . DC  A 1 3  ? -9.505  -3.518  -6.526  1.00 28.43 ? 3   DC  A "C2'" 1 
ATOM   49  C  "C1'" . DC  A 1 3  ? -10.285 -2.258  -6.880  1.00 10.35 ? 3   DC  A "C1'" 1 
ATOM   50  N  N1    . DC  A 1 3  ? -9.981  -1.091  -6.023  1.00 7.04  ? 3   DC  A N1    1 
ATOM   51  C  C2    . DC  A 1 3  ? -9.157  -0.099  -6.468  1.00 7.12  ? 3   DC  A C2    1 
ATOM   52  O  O2    . DC  A 1 3  ? -8.585  -0.250  -7.550  1.00 18.61 ? 3   DC  A O2    1 
ATOM   53  N  N3    . DC  A 1 3  ? -9.033  1.027   -5.756  1.00 3.17  ? 3   DC  A N3    1 
ATOM   54  C  C4    . DC  A 1 3  ? -9.701  1.182   -4.606  1.00 2.29  ? 3   DC  A C4    1 
ATOM   55  N  N4    . DC  A 1 3  ? -9.610  2.350   -3.908  1.00 5.39  ? 3   DC  A N4    1 
ATOM   56  C  C5    . DC  A 1 3  ? -10.526 0.181   -4.110  1.00 9.59  ? 3   DC  A C5    1 
ATOM   57  C  C6    . DC  A 1 3  ? -10.663 -0.982  -4.855  1.00 8.83  ? 3   DC  A C6    1 
ATOM   58  P  P     . DG  A 1 4  ? -8.997  -6.605  -6.015  1.00 15.68 ? 4   DG  A P     1 
ATOM   59  O  OP1   . DG  A 1 4  ? -9.094  -8.049  -6.282  1.00 36.53 ? 4   DG  A OP1   1 
ATOM   60  O  OP2   . DG  A 1 4  ? -8.740  -6.203  -4.620  1.00 10.28 ? 4   DG  A OP2   1 
ATOM   61  O  "O5'" . DG  A 1 4  ? -7.822  -6.024  -6.917  1.00 42.16 ? 4   DG  A "O5'" 1 
ATOM   62  C  "C5'" . DG  A 1 4  ? -7.742  -6.321  -8.321  1.00 33.11 ? 4   DG  A "C5'" 1 
ATOM   63  C  "C4'" . DG  A 1 4  ? -6.485  -5.661  -8.834  1.00 14.16 ? 4   DG  A "C4'" 1 
ATOM   64  O  "O4'" . DG  A 1 4  ? -6.429  -4.277  -8.401  1.00 19.33 ? 4   DG  A "O4'" 1 
ATOM   65  C  "C3'" . DG  A 1 4  ? -5.160  -6.248  -8.388  1.00 -0.73 ? 4   DG  A "C3'" 1 
ATOM   66  O  "O3'" . DG  A 1 4  ? -4.172  -5.975  -9.363  1.00 35.07 ? 4   DG  A "O3'" 1 
ATOM   67  C  "C2'" . DG  A 1 4  ? -4.938  -5.493  -7.081  1.00 -2.44 ? 4   DG  A "C2'" 1 
ATOM   68  C  "C1'" . DG  A 1 4  ? -5.271  -4.087  -7.549  1.00 11.92 ? 4   DG  A "C1'" 1 
ATOM   69  N  N9    . DG  A 1 4  ? -5.692  -3.243  -6.391  1.00 2.85  ? 4   DG  A N9    1 
ATOM   70  C  C8    . DG  A 1 4  ? -6.362  -3.635  -5.268  1.00 -0.82 ? 4   DG  A C8    1 
ATOM   71  N  N7    . DG  A 1 4  ? -6.641  -2.621  -4.437  1.00 2.15  ? 4   DG  A N7    1 
ATOM   72  C  C5    . DG  A 1 4  ? -6.111  -1.544  -5.046  1.00 4.74  ? 4   DG  A C5    1 
ATOM   73  C  C6    . DG  A 1 4  ? -6.094  -0.177  -4.620  1.00 -3.92 ? 4   DG  A C6    1 
ATOM   74  O  O6    . DG  A 1 4  ? -6.584  0.331   -3.608  1.00 -0.80 ? 4   DG  A O6    1 
ATOM   75  N  N1    . DG  A 1 4  ? -5.405  0.609   -5.510  1.00 -6.91 ? 4   DG  A N1    1 
ATOM   76  C  C2    . DG  A 1 4  ? -4.820  0.203   -6.677  1.00 19.72 ? 4   DG  A C2    1 
ATOM   77  N  N2    . DG  A 1 4  ? -4.162  1.148   -7.408  1.00 20.59 ? 4   DG  A N2    1 
ATOM   78  N  N3    . DG  A 1 4  ? -4.864  -1.071  -7.092  1.00 7.78  ? 4   DG  A N3    1 
ATOM   79  C  C4    . DG  A 1 4  ? -5.515  -1.884  -6.233  1.00 17.47 ? 4   DG  A C4    1 
ATOM   80  P  P     . DA  A 1 5  ? -2.621  -6.252  -9.117  1.00 31.98 ? 5   DA  A P     1 
ATOM   81  O  OP1   . DA  A 1 5  ? -2.117  -7.000  -10.295 1.00 42.18 ? 5   DA  A OP1   1 
ATOM   82  O  OP2   . DA  A 1 5  ? -2.336  -6.872  -7.807  1.00 50.76 ? 5   DA  A OP2   1 
ATOM   83  O  "O5'" . DA  A 1 5  ? -2.034  -4.770  -9.159  1.00 19.84 ? 5   DA  A "O5'" 1 
ATOM   84  C  "C5'" . DA  A 1 5  ? -2.262  -3.942  -10.330 1.00 25.46 ? 5   DA  A "C5'" 1 
ATOM   85  C  "C4'" . DA  A 1 5  ? -1.540  -2.638  -10.123 1.00 13.68 ? 5   DA  A "C4'" 1 
ATOM   86  O  "O4'" . DA  A 1 5  ? -2.024  -2.076  -8.878  1.00 25.98 ? 5   DA  A "O4'" 1 
ATOM   87  C  "C3'" . DA  A 1 5  ? -0.027  -2.744  -9.960  1.00 16.71 ? 5   DA  A "C3'" 1 
ATOM   88  O  "O3'" . DA  A 1 5  ? 0.663   -1.616  -10.525 1.00 22.14 ? 5   DA  A "O3'" 1 
ATOM   89  C  "C2'" . DA  A 1 5  ? 0.105   -2.884  -8.438  1.00 14.45 ? 5   DA  A "C2'" 1 
ATOM   90  C  "C1'" . DA  A 1 5  ? -0.901  -1.839  -8.008  1.00 10.80 ? 5   DA  A "C1'" 1 
ATOM   91  N  N9    . DA  A 1 5  ? -1.414  -2.049  -6.632  1.00 1.65  ? 5   DA  A N9    1 
ATOM   92  C  C8    . DA  A 1 5  ? -1.738  -3.221  -6.002  1.00 25.05 ? 5   DA  A C8    1 
ATOM   93  N  N7    . DA  A 1 5  ? -2.298  -3.030  -4.797  1.00 24.10 ? 5   DA  A N7    1 
ATOM   94  C  C5    . DA  A 1 5  ? -2.314  -1.689  -4.658  1.00 18.05 ? 5   DA  A C5    1 
ATOM   95  C  C6    . DA  A 1 5  ? -2.789  -0.839  -3.613  1.00 16.15 ? 5   DA  A C6    1 
ATOM   96  N  N6    . DA  A 1 5  ? -3.414  -1.316  -2.496  1.00 0.35  ? 5   DA  A N6    1 
ATOM   97  N  N1    . DA  A 1 5  ? -2.584  0.470   -3.748  1.00 5.25  ? 5   DA  A N1    1 
ATOM   98  C  C2    . DA  A 1 5  ? -2.003  0.932   -4.852  1.00 8.52  ? 5   DA  A C2    1 
ATOM   99  N  N3    . DA  A 1 5  ? -1.566  0.256   -5.912  1.00 27.34 ? 5   DA  A N3    1 
ATOM   100 C  C4    . DA  A 1 5  ? -1.753  -1.064  -5.735  1.00 2.71  ? 5   DA  A C4    1 
ATOM   101 P  P     . DA  A 1 6  ? 2.246   -1.431  -10.347 1.00 17.88 ? 6   DA  A P     1 
ATOM   102 O  OP1   . DA  A 1 6  ? 2.811   -0.745  -11.532 1.00 25.50 ? 6   DA  A OP1   1 
ATOM   103 O  OP2   . DA  A 1 6  ? 2.885   -2.714  -9.985  1.00 28.17 ? 6   DA  A OP2   1 
ATOM   104 O  "O5'" . DA  A 1 6  ? 2.323   -0.428  -9.109  1.00 13.26 ? 6   DA  A "O5'" 1 
ATOM   105 C  "C5'" . DA  A 1 6  ? 1.817   0.914   -9.220  1.00 20.39 ? 6   DA  A "C5'" 1 
ATOM   106 C  "C4'" . DA  A 1 6  ? 2.302   1.642   -7.989  1.00 30.97 ? 6   DA  A "C4'" 1 
ATOM   107 O  "O4'" . DA  A 1 6  ? 1.626   1.106   -6.840  1.00 23.37 ? 6   DA  A "O4'" 1 
ATOM   108 C  "C3'" . DA  A 1 6  ? 3.794   1.516   -7.694  1.00 11.33 ? 6   DA  A "C3'" 1 
ATOM   109 O  "O3'" . DA  A 1 6  ? 4.422   2.804   -7.570  1.00 20.89 ? 6   DA  A "O3'" 1 
ATOM   110 C  "C2'" . DA  A 1 6  ? 3.825   0.637   -6.438  1.00 8.59  ? 6   DA  A "C2'" 1 
ATOM   111 C  "C1'" . DA  A 1 6  ? 2.549   1.080   -5.749  1.00 2.81  ? 6   DA  A "C1'" 1 
ATOM   112 N  N9    . DA  A 1 6  ? 1.997   0.039   -4.844  1.00 1.59  ? 6   DA  A N9    1 
ATOM   113 C  C8    . DA  A 1 6  ? 1.904   -1.318  -5.040  1.00 -4.87 ? 6   DA  A C8    1 
ATOM   114 N  N7    . DA  A 1 6  ? 1.243   -1.944  -4.048  1.00 10.00 ? 6   DA  A N7    1 
ATOM   115 C  C5    . DA  A 1 6  ? 0.906   -0.946  -3.201  1.00 3.93  ? 6   DA  A C5    1 
ATOM   116 C  C6    . DA  A 1 6  ? 0.186   -0.932  -1.965  1.00 7.29  ? 6   DA  A C6    1 
ATOM   117 N  N6    . DA  A 1 6  ? -0.359  -2.052  -1.404  1.00 4.77  ? 6   DA  A N6    1 
ATOM   118 N  N1    . DA  A 1 6  ? 0.038   0.245   -1.357  1.00 7.07  ? 6   DA  A N1    1 
ATOM   119 C  C2    . DA  A 1 6  ? 0.537   1.345   -1.915  1.00 -2.44 ? 6   DA  A C2    1 
ATOM   120 N  N3    . DA  A 1 6  ? 1.203   1.472   -3.059  1.00 8.21  ? 6   DA  A N3    1 
ATOM   121 C  C4    . DA  A 1 6  ? 1.353   0.268   -3.650  1.00 5.02  ? 6   DA  A C4    1 
ATOM   122 P  P     . DT  A 1 7  ? 5.947   2.978   -7.111  1.00 10.91 ? 7   DT  A P     1 
ATOM   123 O  OP1   . DT  A 1 7  ? 6.521   4.154   -7.802  1.00 20.94 ? 7   DT  A OP1   1 
ATOM   124 O  OP2   . DT  A 1 7  ? 6.697   1.712   -7.259  1.00 21.18 ? 7   DT  A OP2   1 
ATOM   125 O  "O5'" . DT  A 1 7  ? 5.778   3.328   -5.565  1.00 16.05 ? 7   DT  A "O5'" 1 
ATOM   126 C  "C5'" . DT  A 1 7  ? 4.890   4.392   -5.159  1.00 23.18 ? 7   DT  A "C5'" 1 
ATOM   127 C  "C4'" . DT  A 1 7  ? 4.766   4.245   -3.669  1.00 5.17  ? 7   DT  A "C4'" 1 
ATOM   128 O  "O4'" . DT  A 1 7  ? 4.340   2.908   -3.408  1.00 13.96 ? 7   DT  A "O4'" 1 
ATOM   129 C  "C3'" . DT  A 1 7  ? 6.086   4.364   -2.920  1.00 24.26 ? 7   DT  A "C3'" 1 
ATOM   130 O  "O3'" . DT  A 1 7  ? 6.245   5.661   -2.320  1.00 32.63 ? 7   DT  A "O3'" 1 
ATOM   131 C  "C2'" . DT  A 1 7  ? 6.094   3.159   -1.962  1.00 0.35  ? 7   DT  A "C2'" 1 
ATOM   132 C  "C1'" . DT  A 1 7  ? 4.645   2.718   -2.036  1.00 8.06  ? 7   DT  A "C1'" 1 
ATOM   133 N  N1    . DT  A 1 7  ? 4.407   1.281   -1.727  1.00 6.40  ? 7   DT  A N1    1 
ATOM   134 C  C2    . DT  A 1 7  ? 3.615   0.972   -0.663  1.00 7.81  ? 7   DT  A C2    1 
ATOM   135 O  O2    . DT  A 1 7  ? 3.150   1.864   0.050   1.00 4.87  ? 7   DT  A O2    1 
ATOM   136 N  N3    . DT  A 1 7  ? 3.302   -0.337  -0.442  1.00 16.33 ? 7   DT  A N3    1 
ATOM   137 C  C4    . DT  A 1 7  ? 3.741   -1.340  -1.253  1.00 6.26  ? 7   DT  A C4    1 
ATOM   138 O  O4    . DT  A 1 7  ? 3.388   -2.487  -0.989  1.00 20.42 ? 7   DT  A O4    1 
ATOM   139 C  C5    . DT  A 1 7  ? 4.527   -1.011  -2.357  1.00 5.33  ? 7   DT  A C5    1 
ATOM   140 C  C7    . DT  A 1 7  ? 4.968   -2.087  -3.311  1.00 -5.15 ? 7   DT  A C7    1 
ATOM   141 C  C6    . DT  A 1 7  ? 4.857   0.324   -2.589  1.00 0.23  ? 7   DT  A C6    1 
ATOM   142 P  P     . DT  A 1 8  ? 7.542   6.056   -1.475  1.00 30.96 ? 8   DT  A P     1 
ATOM   143 O  OP1   . DT  A 1 8  ? 7.588   7.531   -1.379  1.00 25.77 ? 8   DT  A OP1   1 
ATOM   144 O  OP2   . DT  A 1 8  ? 8.746   5.395   -2.034  1.00 27.97 ? 8   DT  A OP2   1 
ATOM   145 O  "O5'" . DT  A 1 8  ? 7.186   5.494   -0.022  1.00 25.89 ? 8   DT  A "O5'" 1 
ATOM   146 C  "C5'" . DT  A 1 8  ? 5.955   5.930   0.592   1.00 18.03 ? 8   DT  A "C5'" 1 
ATOM   147 C  "C4'" . DT  A 1 8  ? 5.742   5.027   1.750   1.00 6.81  ? 8   DT  A "C4'" 1 
ATOM   148 O  "O4'" . DT  A 1 8  ? 5.802   3.687   1.293   1.00 39.27 ? 8   DT  A "O4'" 1 
ATOM   149 C  "C3'" . DT  A 1 8  ? 6.842   5.085   2.780   1.00 42.84 ? 8   DT  A "C3'" 1 
ATOM   150 O  "O3'" . DT  A 1 8  ? 6.544   6.077   3.772   1.00 42.08 ? 8   DT  A "O3'" 1 
ATOM   151 C  "C2'" . DT  A 1 8  ? 6.946   3.627   3.275   1.00 11.90 ? 8   DT  A "C2'" 1 
ATOM   152 C  "C1'" . DT  A 1 8  ? 5.831   2.938   2.505   1.00 18.26 ? 8   DT  A "C1'" 1 
ATOM   153 N  N1    . DT  A 1 8  ? 6.057   1.501   2.140   1.00 13.59 ? 8   DT  A N1    1 
ATOM   154 C  C2    . DT  A 1 8  ? 5.366   0.519   2.791   1.00 12.87 ? 8   DT  A C2    1 
ATOM   155 O  O2    . DT  A 1 8  ? 4.625   0.786   3.741   1.00 26.28 ? 8   DT  A O2    1 
ATOM   156 N  N3    . DT  A 1 8  ? 5.468   -0.762  2.339   1.00 6.44  ? 8   DT  A N3    1 
ATOM   157 C  C4    . DT  A 1 8  ? 6.253   -1.107  1.280   1.00 10.35 ? 8   DT  A C4    1 
ATOM   158 O  O4    . DT  A 1 8  ? 6.273   -2.294  0.942   1.00 4.79  ? 8   DT  A O4    1 
ATOM   159 C  C5    . DT  A 1 8  ? 6.973   -0.100  0.633   1.00 1.49  ? 8   DT  A C5    1 
ATOM   160 C  C7    . DT  A 1 8  ? 7.861   -0.426  -0.532  1.00 -1.05 ? 8   DT  A C7    1 
ATOM   161 C  C6    . DT  A 1 8  ? 6.852   1.218   1.069   1.00 6.87  ? 8   DT  A C6    1 
HETATM 162 BR BR    . CBR A 1 9  ? 9.479   1.129   3.965   1.00 27.82 ? 9   CBR A BR    1 
HETATM 163 P  P     . CBR A 1 9  ? 7.260   6.078   5.195   1.00 39.24 ? 9   CBR A P     1 
HETATM 164 O  OP1   . CBR A 1 9  ? 7.012   7.388   5.829   1.00 26.96 ? 9   CBR A OP1   1 
HETATM 165 O  OP2   . CBR A 1 9  ? 8.679   5.695   5.028   1.00 36.34 ? 9   CBR A OP2   1 
HETATM 166 O  "O5'" . CBR A 1 9  ? 6.473   4.923   5.982   1.00 45.31 ? 9   CBR A "O5'" 1 
HETATM 167 N  N1    . CBR A 1 9  ? 6.465   0.882   6.740   1.00 25.10 ? 9   CBR A N1    1 
HETATM 168 C  C6    . CBR A 1 9  ? 7.443   1.389   5.947   1.00 1.88  ? 9   CBR A C6    1 
HETATM 169 C  C2    . CBR A 1 9  ? 6.161   -0.446  6.760   1.00 23.46 ? 9   CBR A C2    1 
HETATM 170 O  O2    . CBR A 1 9  ? 5.247   -0.827  7.495   1.00 19.53 ? 9   CBR A O2    1 
HETATM 171 N  N3    . CBR A 1 9  ? 6.806   -1.283  5.953   1.00 11.77 ? 9   CBR A N3    1 
HETATM 172 C  C4    . CBR A 1 9  ? 7.765   -0.832  5.138   1.00 18.33 ? 9   CBR A C4    1 
HETATM 173 N  N4    . CBR A 1 9  ? 8.382   -1.699  4.285   1.00 11.36 ? 9   CBR A N4    1 
HETATM 174 C  C5    . CBR A 1 9  ? 8.135   0.511   5.126   1.00 3.77  ? 9   CBR A C5    1 
HETATM 175 C  "C2'" . CBR A 1 9  ? 6.541   2.881   8.122   1.00 28.11 ? 9   CBR A "C2'" 1 
HETATM 176 C  "C5'" . CBR A 1 9  ? 5.030   4.969   6.135   1.00 33.12 ? 9   CBR A "C5'" 1 
HETATM 177 C  "C4'" . CBR A 1 9  ? 4.645   3.875   7.097   1.00 35.32 ? 9   CBR A "C4'" 1 
HETATM 178 O  "O4'" . CBR A 1 9  ? 4.969   2.609   6.493   1.00 31.18 ? 9   CBR A "O4'" 1 
HETATM 179 C  "C1'" . CBR A 1 9  ? 5.654   1.838   7.492   1.00 33.42 ? 9   CBR A "C1'" 1 
HETATM 180 C  "C3'" . CBR A 1 9  ? 5.453   3.910   8.390   1.00 46.10 ? 9   CBR A "C3'" 1 
HETATM 181 O  "O3'" . CBR A 1 9  ? 4.688   3.630   9.565   1.00 43.15 ? 9   CBR A "O3'" 1 
ATOM   182 P  P     . DG  A 1 10 ? 5.350   3.948   10.982  1.00 48.90 ? 10  DG  A P     1 
ATOM   183 O  OP1   . DG  A 1 10 ? 4.376   4.598   11.871  1.00 56.18 ? 10  DG  A OP1   1 
ATOM   184 O  OP2   . DG  A 1 10 ? 6.557   4.742   10.716  1.00 43.65 ? 10  DG  A OP2   1 
ATOM   185 O  "O5'" . DG  A 1 10 ? 5.800   2.515   11.541  1.00 51.40 ? 10  DG  A "O5'" 1 
ATOM   186 C  "C5'" . DG  A 1 10 ? 4.835   1.556   12.011  1.00 46.70 ? 10  DG  A "C5'" 1 
ATOM   187 C  "C4'" . DG  A 1 10 ? 5.619   0.315   12.337  1.00 31.84 ? 10  DG  A "C4'" 1 
ATOM   188 O  "O4'" . DG  A 1 10 ? 6.259   -0.117  11.123  1.00 25.15 ? 10  DG  A "O4'" 1 
ATOM   189 C  "C3'" . DG  A 1 10 ? 6.761   0.434   13.350  1.00 33.88 ? 10  DG  A "C3'" 1 
ATOM   190 O  "O3'" . DG  A 1 10 ? 6.820   -0.713  14.198  1.00 49.82 ? 10  DG  A "O3'" 1 
ATOM   191 C  "C2'" . DG  A 1 10 ? 7.970   0.535   12.433  1.00 22.71 ? 10  DG  A "C2'" 1 
ATOM   192 C  "C1'" . DG  A 1 10 ? 7.554   -0.580  11.506  1.00 48.71 ? 10  DG  A "C1'" 1 
ATOM   193 N  N9    . DG  A 1 10 ? 8.408   -0.650  10.305  1.00 27.81 ? 10  DG  A N9    1 
ATOM   194 C  C8    . DG  A 1 10 ? 9.143   0.340   9.709   1.00 23.42 ? 10  DG  A C8    1 
ATOM   195 N  N7    . DG  A 1 10 ? 9.804   -0.092  8.624   1.00 12.79 ? 10  DG  A N7    1 
ATOM   196 C  C5    . DG  A 1 10 ? 9.466   -1.398  8.538   1.00 6.91  ? 10  DG  A C5    1 
ATOM   197 C  C6    . DG  A 1 10 ? 9.855   -2.380  7.573   1.00 2.67  ? 10  DG  A C6    1 
ATOM   198 O  O6    . DG  A 1 10 ? 10.597  -2.259  6.601   1.00 10.47 ? 10  DG  A O6    1 
ATOM   199 N  N1    . DG  A 1 10 ? 9.253   -3.591  7.817   1.00 0.59  ? 10  DG  A N1    1 
ATOM   200 C  C2    . DG  A 1 10 ? 8.404   -3.891  8.843   1.00 7.92  ? 10  DG  A C2    1 
ATOM   201 N  N2    . DG  A 1 10 ? 7.921   -5.163  8.908   1.00 29.97 ? 10  DG  A N2    1 
ATOM   202 N  N3    . DG  A 1 10 ? 8.059   -2.982  9.760   1.00 10.72 ? 10  DG  A N3    1 
ATOM   203 C  C4    . DG  A 1 10 ? 8.612   -1.767  9.538   1.00 23.82 ? 10  DG  A C4    1 
ATOM   204 P  P     . DC  A 1 11 ? 6.016   -0.728  15.577  1.00 43.49 ? 11  DC  A P     1 
ATOM   205 O  OP1   . DC  A 1 11 ? 4.768   0.049   15.418  1.00 57.36 ? 11  DC  A OP1   1 
ATOM   206 O  OP2   . DC  A 1 11 ? 6.908   -0.289  16.657  1.00 54.03 ? 11  DC  A OP2   1 
ATOM   207 O  "O5'" . DC  A 1 11 ? 5.697   -2.285  15.760  1.00 35.15 ? 11  DC  A "O5'" 1 
ATOM   208 C  "C5'" . DC  A 1 11 ? 4.666   -2.934  14.980  1.00 25.01 ? 11  DC  A "C5'" 1 
ATOM   209 C  "C4'" . DC  A 1 11 ? 4.963   -4.407  14.914  1.00 55.72 ? 11  DC  A "C4'" 1 
ATOM   210 O  "O4'" . DC  A 1 11 ? 5.769   -4.560  13.741  1.00 50.59 ? 11  DC  A "O4'" 1 
ATOM   211 C  "C3'" . DC  A 1 11 ? 5.769   -4.990  16.069  1.00 36.84 ? 11  DC  A "C3'" 1 
ATOM   212 O  "O3'" . DC  A 1 11 ? 5.315   -6.271  16.528  1.00 41.37 ? 11  DC  A "O3'" 1 
ATOM   213 C  "C2'" . DC  A 1 11 ? 7.185   -5.020  15.497  1.00 15.16 ? 11  DC  A "C2'" 1 
ATOM   214 C  "C1'" . DC  A 1 11 ? 6.908   -5.358  14.060  1.00 20.64 ? 11  DC  A "C1'" 1 
ATOM   215 N  N1    . DC  A 1 11 ? 8.076   -4.801  13.340  1.00 21.37 ? 11  DC  A N1    1 
ATOM   216 C  C2    . DC  A 1 11 ? 8.596   -5.408  12.234  1.00 35.95 ? 11  DC  A C2    1 
ATOM   217 O  O2    . DC  A 1 11 ? 8.025   -6.405  11.789  1.00 38.20 ? 11  DC  A O2    1 
ATOM   218 N  N3    . DC  A 1 11 ? 9.714   -4.928  11.673  1.00 21.15 ? 11  DC  A N3    1 
ATOM   219 C  C4    . DC  A 1 11 ? 10.328  -3.853  12.181  1.00 17.27 ? 11  DC  A C4    1 
ATOM   220 N  N4    . DC  A 1 11 ? 11.466  -3.378  11.605  1.00 20.81 ? 11  DC  A N4    1 
ATOM   221 C  C5    . DC  A 1 11 ? 9.815   -3.193  13.292  1.00 10.96 ? 11  DC  A C5    1 
ATOM   222 C  C6    . DC  A 1 11 ? 8.661   -3.699  13.886  1.00 7.42  ? 11  DC  A C6    1 
ATOM   223 P  P     . DG  A 1 12 ? 6.164   -7.052  17.628  1.00 43.75 ? 12  DG  A P     1 
ATOM   224 O  OP1   . DG  A 1 12 ? 5.297   -7.674  18.653  1.00 42.07 ? 12  DG  A OP1   1 
ATOM   225 O  OP2   . DG  A 1 12 ? 7.262   -6.183  18.176  1.00 36.15 ? 12  DG  A OP2   1 
ATOM   226 O  "O5'" . DG  A 1 12 ? 6.804   -8.276  16.861  1.00 46.00 ? 12  DG  A "O5'" 1 
ATOM   227 C  "C5'" . DG  A 1 12 ? 6.074   -9.207  16.012  1.00 44.36 ? 12  DG  A "C5'" 1 
ATOM   228 C  "C4'" . DG  A 1 12 ? 7.155   -10.057 15.399  1.00 45.03 ? 12  DG  A "C4'" 1 
ATOM   229 O  "O4'" . DG  A 1 12 ? 8.048   -9.112  14.823  1.00 8.20  ? 12  DG  A "O4'" 1 
ATOM   230 C  "C3'" . DG  A 1 12 ? 7.989   -10.808 16.423  1.00 44.44 ? 12  DG  A "C3'" 1 
ATOM   231 O  "O3'" . DG  A 1 12 ? 7.682   -12.208 16.458  1.00 53.86 ? 12  DG  A "O3'" 1 
ATOM   232 C  "C2'" . DG  A 1 12 ? 9.453   -10.494 16.065  1.00 -1.04 ? 12  DG  A "C2'" 1 
ATOM   233 C  "C1'" . DG  A 1 12 ? 9.346   -9.679  14.784  1.00 0.99  ? 12  DG  A "C1'" 1 
ATOM   234 N  N9    . DG  A 1 12 ? 10.167  -8.455  14.863  1.00 17.30 ? 12  DG  A N9    1 
ATOM   235 C  C8    . DG  A 1 12 ? 9.983   -7.385  15.700  1.00 16.91 ? 12  DG  A C8    1 
ATOM   236 N  N7    . DG  A 1 12 ? 10.855  -6.391  15.474  1.00 13.84 ? 12  DG  A N7    1 
ATOM   237 C  C5    . DG  A 1 12 ? 11.599  -6.855  14.449  1.00 22.79 ? 12  DG  A C5    1 
ATOM   238 C  C6    . DG  A 1 12 ? 12.677  -6.232  13.744  1.00 18.98 ? 12  DG  A C6    1 
ATOM   239 O  O6    . DG  A 1 12 ? 13.178  -5.123  13.919  1.00 31.42 ? 12  DG  A O6    1 
ATOM   240 N  N1    . DG  A 1 12 ? 13.146  -7.036  12.734  1.00 3.94  ? 12  DG  A N1    1 
ATOM   241 C  C2    . DG  A 1 12 ? 12.703  -8.283  12.398  1.00 9.57  ? 12  DG  A C2    1 
ATOM   242 N  N2    . DG  A 1 12 ? 13.306  -8.909  11.349  1.00 6.53  ? 12  DG  A N2    1 
ATOM   243 N  N3    . DG  A 1 12 ? 11.706  -8.877  13.054  1.00 16.33 ? 12  DG  A N3    1 
ATOM   244 C  C4    . DG  A 1 12 ? 11.210  -8.106  14.051  1.00 20.11 ? 12  DG  A C4    1 
ATOM   245 O  "O5'" . DC  B 1 1  ? 21.207  -5.929  7.374   1.00 50.15 ? 13  DC  B "O5'" 1 
ATOM   246 C  "C5'" . DC  B 1 1  ? 21.045  -7.342  7.102   1.00 45.63 ? 13  DC  B "C5'" 1 
ATOM   247 C  "C4'" . DC  B 1 1  ? 19.580  -7.702  7.176   1.00 6.69  ? 13  DC  B "C4'" 1 
ATOM   248 O  "O4'" . DC  B 1 1  ? 19.117  -7.545  8.532   1.00 43.46 ? 13  DC  B "O4'" 1 
ATOM   249 C  "C3'" . DC  B 1 1  ? 18.598  -6.906  6.299   1.00 5.03  ? 13  DC  B "C3'" 1 
ATOM   250 O  "O3'" . DC  B 1 1  ? 17.660  -7.744  5.626   1.00 37.40 ? 13  DC  B "O3'" 1 
ATOM   251 C  "C2'" . DC  B 1 1  ? 17.922  -6.068  7.355   1.00 39.69 ? 13  DC  B "C2'" 1 
ATOM   252 C  "C1'" . DC  B 1 1  ? 17.759  -7.149  8.396   1.00 9.32  ? 13  DC  B "C1'" 1 
ATOM   253 N  N1    . DC  B 1 1  ? 17.300  -6.526  9.649   1.00 -3.05 ? 13  DC  B N1    1 
ATOM   254 C  C2    . DC  B 1 1  ? 16.032  -6.779  10.077  1.00 11.31 ? 13  DC  B C2    1 
ATOM   255 O  O2    . DC  B 1 1  ? 15.348  -7.582  9.438   1.00 23.75 ? 13  DC  B O2    1 
ATOM   256 N  N3    . DC  B 1 1  ? 15.564  -6.161  11.166  1.00 47.45 ? 13  DC  B N3    1 
ATOM   257 C  C4    . DC  B 1 1  ? 16.336  -5.291  11.835  1.00 38.38 ? 13  DC  B C4    1 
ATOM   258 N  N4    . DC  B 1 1  ? 15.847  -4.656  12.940  1.00 27.06 ? 13  DC  B N4    1 
ATOM   259 C  C5    . DC  B 1 1  ? 17.643  -5.025  11.437  1.00 35.81 ? 13  DC  B C5    1 
ATOM   260 C  C6    . DC  B 1 1  ? 18.127  -5.660  10.299  1.00 17.34 ? 13  DC  B C6    1 
ATOM   261 P  P     . DG  B 1 2  ? 17.940  -8.136  4.109   1.00 45.80 ? 14  DG  B P     1 
ATOM   262 O  OP1   . DG  B 1 2  ? 19.208  -8.880  4.075   1.00 46.81 ? 14  DG  B OP1   1 
ATOM   263 O  OP2   . DG  B 1 2  ? 17.858  -6.863  3.335   1.00 42.97 ? 14  DG  B OP2   1 
ATOM   264 O  "O5'" . DG  B 1 2  ? 16.750  -9.163  3.793   1.00 39.92 ? 14  DG  B "O5'" 1 
ATOM   265 C  "C5'" . DG  B 1 2  ? 16.609  -10.375 4.590   1.00 10.14 ? 14  DG  B "C5'" 1 
ATOM   266 C  "C4'" . DG  B 1 2  ? 15.173  -10.535 5.038   1.00 23.05 ? 14  DG  B "C4'" 1 
ATOM   267 O  "O4'" . DG  B 1 2  ? 14.913  -9.652  6.161   1.00 19.01 ? 14  DG  B "O4'" 1 
ATOM   268 C  "C3'" . DG  B 1 2  ? 14.127  -10.160 3.986   1.00 24.52 ? 14  DG  B "C3'" 1 
ATOM   269 O  "O3'" . DG  B 1 2  ? 12.932  -10.938 4.073   1.00 34.49 ? 14  DG  B "O3'" 1 
ATOM   270 C  "C2'" . DG  B 1 2  ? 13.856  -8.732  4.400   1.00 37.69 ? 14  DG  B "C2'" 1 
ATOM   271 C  "C1'" . DG  B 1 2  ? 13.660  -9.017  5.870   1.00 17.36 ? 14  DG  B "C1'" 1 
ATOM   272 N  N9    . DG  B 1 2  ? 13.521  -7.729  6.590   1.00 20.57 ? 14  DG  B N9    1 
ATOM   273 C  C8    . DG  B 1 2  ? 14.198  -6.571  6.312   1.00 20.12 ? 14  DG  B C8    1 
ATOM   274 N  N7    . DG  B 1 2  ? 13.813  -5.540  7.077   1.00 38.47 ? 14  DG  B N7    1 
ATOM   275 C  C5    . DG  B 1 2  ? 12.854  -6.071  7.860   1.00 6.54  ? 14  DG  B C5    1 
ATOM   276 C  C6    . DG  B 1 2  ? 12.088  -5.433  8.875   1.00 24.41 ? 14  DG  B C6    1 
ATOM   277 O  O6    . DG  B 1 2  ? 12.130  -4.261  9.230   1.00 31.10 ? 14  DG  B O6    1 
ATOM   278 N  N1    . DG  B 1 2  ? 11.226  -6.309  9.486   1.00 2.43  ? 14  DG  B N1    1 
ATOM   279 C  C2    . DG  B 1 2  ? 11.051  -7.631  9.182   1.00 -1.53 ? 14  DG  B C2    1 
ATOM   280 N  N2    . DG  B 1 2  ? 10.126  -8.326  9.902   1.00 32.62 ? 14  DG  B N2    1 
ATOM   281 N  N3    . DG  B 1 2  ? 11.755  -8.228  8.212   1.00 29.64 ? 14  DG  B N3    1 
ATOM   282 C  C4    . DG  B 1 2  ? 12.641  -7.396  7.604   1.00 27.85 ? 14  DG  B C4    1 
ATOM   283 P  P     . DC  B 1 3  ? 12.315  -11.583 2.746   1.00 23.60 ? 15  DC  B P     1 
ATOM   284 O  OP1   . DC  B 1 3  ? 13.025  -12.855 2.490   1.00 39.14 ? 15  DC  B OP1   1 
ATOM   285 O  OP2   . DC  B 1 3  ? 12.407  -10.605 1.632   1.00 35.39 ? 15  DC  B OP2   1 
ATOM   286 O  "O5'" . DC  B 1 3  ? 10.792  -11.850 3.178   1.00 15.86 ? 15  DC  B "O5'" 1 
ATOM   287 C  "C5'" . DC  B 1 3  ? 10.527  -12.504 4.438   1.00 4.16  ? 15  DC  B "C5'" 1 
ATOM   288 C  "C4'" . DC  B 1 3  ? 9.518   -11.622 5.135   1.00 22.18 ? 15  DC  B "C4'" 1 
ATOM   289 O  "O4'" . DC  B 1 3  ? 10.120  -10.358 5.439   1.00 20.69 ? 15  DC  B "O4'" 1 
ATOM   290 C  "C3'" . DC  B 1 3  ? 8.363   -11.175 4.262   1.00 11.04 ? 15  DC  B "C3'" 1 
ATOM   291 O  "O3'" . DC  B 1 3  ? 7.434   -12.238 3.926   1.00 22.92 ? 15  DC  B "O3'" 1 
ATOM   292 C  "C2'" . DC  B 1 3  ? 7.793   -10.030 5.115   1.00 14.83 ? 15  DC  B "C2'" 1 
ATOM   293 C  "C1'" . DC  B 1 3  ? 9.053   -9.466  5.792   1.00 1.91  ? 15  DC  B "C1'" 1 
ATOM   294 N  N1    . DC  B 1 3  ? 9.488   -8.085  5.399   1.00 1.84  ? 15  DC  B N1    1 
ATOM   295 C  C2    . DC  B 1 3  ? 9.082   -7.015  6.142   1.00 9.34  ? 15  DC  B C2    1 
ATOM   296 O  O2    . DC  B 1 3  ? 8.315   -7.217  7.083   1.00 9.22  ? 15  DC  B O2    1 
ATOM   297 N  N3    . DC  B 1 3  ? 9.569   -5.796  5.877   1.00 7.36  ? 15  DC  B N3    1 
ATOM   298 C  C4    . DC  B 1 3  ? 10.436  -5.606  4.878   1.00 12.78 ? 15  DC  B C4    1 
ATOM   299 N  N4    . DC  B 1 3  ? 10.925  -4.359  4.632   1.00 23.36 ? 15  DC  B N4    1 
ATOM   300 C  C5    . DC  B 1 3  ? 10.852  -6.661  4.072   1.00 29.55 ? 15  DC  B C5    1 
ATOM   301 C  C6    . DC  B 1 3  ? 10.361  -7.934  4.362   1.00 -0.53 ? 15  DC  B C6    1 
ATOM   302 P  P     . DG  B 1 4  ? 6.091   -11.943 3.108   1.00 30.69 ? 16  DG  B P     1 
ATOM   303 O  OP1   . DG  B 1 4  ? 5.465   -13.178 2.600   1.00 52.50 ? 16  DG  B OP1   1 
ATOM   304 O  OP2   . DG  B 1 4  ? 6.351   -10.924 2.086   1.00 35.69 ? 16  DG  B OP2   1 
ATOM   305 O  "O5'" . DG  B 1 4  ? 5.069   -11.303 4.137   1.00 12.98 ? 16  DG  B "O5'" 1 
ATOM   306 C  "C5'" . DG  B 1 4  ? 4.730   -11.978 5.395   1.00 14.60 ? 16  DG  B "C5'" 1 
ATOM   307 C  "C4'" . DG  B 1 4  ? 3.958   -10.964 6.195   1.00 37.18 ? 16  DG  B "C4'" 1 
ATOM   308 O  "O4'" . DG  B 1 4  ? 4.675   -9.722  6.157   1.00 18.95 ? 16  DG  B "O4'" 1 
ATOM   309 C  "C3'" . DG  B 1 4  ? 2.576   -10.590 5.709   1.00 26.30 ? 16  DG  B "C3'" 1 
ATOM   310 O  "O3'" . DG  B 1 4  ? 1.799   -10.041 6.760   1.00 50.12 ? 16  DG  B "O3'" 1 
ATOM   311 C  "C2'" . DG  B 1 4  ? 2.923   -9.531  4.671   1.00 21.70 ? 16  DG  B "C2'" 1 
ATOM   312 C  "C1'" . DG  B 1 4  ? 3.812   -8.708  5.600   1.00 23.68 ? 16  DG  B "C1'" 1 
ATOM   313 N  N9    . DG  B 1 4  ? 4.730   -7.761  4.899   1.00 3.93  ? 16  DG  B N9    1 
ATOM   314 C  C8    . DG  B 1 4  ? 5.351   -7.967  3.698   1.00 21.20 ? 16  DG  B C8    1 
ATOM   315 N  N7    . DG  B 1 4  ? 6.194   -6.980  3.357   1.00 12.91 ? 16  DG  B N7    1 
ATOM   316 C  C5    . DG  B 1 4  ? 6.097   -6.111  4.381   1.00 4.07  ? 16  DG  B C5    1 
ATOM   317 C  C6    . DG  B 1 4  ? 6.759   -4.858  4.567   1.00 -1.14 ? 16  DG  B C6    1 
ATOM   318 O  O6    . DG  B 1 4  ? 7.579   -4.307  3.840   1.00 5.32  ? 16  DG  B O6    1 
ATOM   319 N  N1    . DG  B 1 4  ? 6.351   -4.235  5.717   1.00 3.46  ? 16  DG  B N1    1 
ATOM   320 C  C2    . DG  B 1 4  ? 5.445   -4.705  6.622   1.00 -3.24 ? 16  DG  B C2    1 
ATOM   321 N  N2    . DG  B 1 4  ? 5.165   -3.912  7.692   1.00 6.21  ? 16  DG  B N2    1 
ATOM   322 N  N3    . DG  B 1 4  ? 4.839   -5.886  6.469   1.00 13.59 ? 16  DG  B N3    1 
ATOM   323 C  C4    . DG  B 1 4  ? 5.211   -6.538  5.335   1.00 5.08  ? 16  DG  B C4    1 
ATOM   324 P  P     . DA  B 1 5  ? 0.224   -9.819  6.609   1.00 28.75 ? 17  DA  B P     1 
ATOM   325 O  OP1   . DA  B 1 5  ? -0.440  -10.947 7.282   1.00 53.12 ? 17  DA  B OP1   1 
ATOM   326 O  OP2   . DA  B 1 5  ? -0.173  -9.532  5.216   1.00 53.38 ? 17  DA  B OP2   1 
ATOM   327 O  "O5'" . DA  B 1 5  ? 0.043   -8.455  7.412   1.00 16.45 ? 17  DA  B "O5'" 1 
ATOM   328 C  "C5'" . DA  B 1 5  ? 0.766   -8.246  8.630   1.00 49.94 ? 17  DA  B "C5'" 1 
ATOM   329 C  "C4'" . DA  B 1 5  ? 0.743   -6.752  8.827   1.00 46.08 ? 17  DA  B "C4'" 1 
ATOM   330 O  "O4'" . DA  B 1 5  ? 1.594   -6.165  7.829   1.00 39.84 ? 17  DA  B "O4'" 1 
ATOM   331 C  "C3'" . DA  B 1 5  ? -0.610  -6.125  8.591   1.00 29.88 ? 17  DA  B "C3'" 1 
ATOM   332 O  "O3'" . DA  B 1 5  ? -0.992  -5.229  9.636   1.00 43.42 ? 17  DA  B "O3'" 1 
ATOM   333 C  "C2'" . DA  B 1 5  ? -0.505  -5.493  7.204   1.00 35.20 ? 17  DA  B "C2'" 1 
ATOM   334 C  "C1'" . DA  B 1 5  ? 0.938   -5.040  7.211   1.00 39.46 ? 17  DA  B "C1'" 1 
ATOM   335 N  N9    . DA  B 1 5  ? 1.493   -4.973  5.824   1.00 34.11 ? 17  DA  B N9    1 
ATOM   336 C  C8    . DA  B 1 5  ? 1.366   -5.914  4.830   1.00 0.05  ? 17  DA  B C8    1 
ATOM   337 N  N7    . DA  B 1 5  ? 2.067   -5.619  3.722   1.00 23.54 ? 17  DA  B N7    1 
ATOM   338 C  C5    . DA  B 1 5  ? 2.667   -4.454  4.035   1.00 21.38 ? 17  DA  B C5    1 
ATOM   339 C  C6    . DA  B 1 5  ? 3.579   -3.634  3.301   1.00 19.92 ? 17  DA  B C6    1 
ATOM   340 N  N6    . DA  B 1 5  ? 4.014   -3.958  2.047   1.00 16.31 ? 17  DA  B N6    1 
ATOM   341 N  N1    . DA  B 1 5  ? 4.017   -2.517  3.892   1.00 19.82 ? 17  DA  B N1    1 
ATOM   342 C  C2    . DA  B 1 5  ? 3.582   -2.193  5.112   1.00 9.97  ? 17  DA  B C2    1 
ATOM   343 N  N3    . DA  B 1 5  ? 2.739   -2.863  5.900   1.00 21.81 ? 17  DA  B N3    1 
ATOM   344 C  C4    . DA  B 1 5  ? 2.320   -4.004  5.290   1.00 29.63 ? 17  DA  B C4    1 
ATOM   345 P  P     . DA  B 1 6  ? -2.353  -4.422  9.489   1.00 51.51 ? 18  DA  B P     1 
ATOM   346 O  OP1   . DA  B 1 6  ? -2.906  -4.125  10.822  1.00 59.64 ? 18  DA  B OP1   1 
ATOM   347 O  OP2   . DA  B 1 6  ? -3.214  -5.224  8.587   1.00 51.63 ? 18  DA  B OP2   1 
ATOM   348 O  "O5'" . DA  B 1 6  ? -1.849  -3.062  8.817   1.00 40.99 ? 18  DA  B "O5'" 1 
ATOM   349 C  "C5'" . DA  B 1 6  ? -0.881  -2.216  9.494   1.00 19.81 ? 18  DA  B "C5'" 1 
ATOM   350 C  "C4'" . DA  B 1 6  ? -0.689  -1.022  8.603   1.00 13.88 ? 18  DA  B "C4'" 1 
ATOM   351 O  "O4'" . DA  B 1 6  ? -0.207  -1.522  7.358   1.00 18.17 ? 18  DA  B "O4'" 1 
ATOM   352 C  "C3'" . DA  B 1 6  ? -1.948  -0.225  8.282   1.00 25.33 ? 18  DA  B "C3'" 1 
ATOM   353 O  "O3'" . DA  B 1 6  ? -1.907  1.106   8.839   1.00 43.30 ? 18  DA  B "O3'" 1 
ATOM   354 C  "C2'" . DA  B 1 6  ? -2.054  -0.318  6.753   1.00 6.14  ? 18  DA  B "C2'" 1 
ATOM   355 C  "C1'" . DA  B 1 6  ? -0.615  -0.610  6.345   1.00 -3.06 ? 18  DA  B "C1'" 1 
ATOM   356 N  N9    . DA  B 1 6  ? -0.541  -1.416  5.100   1.00 7.01  ? 18  DA  B N9    1 
ATOM   357 C  C8    . DA  B 1 6  ? -1.125  -2.631  4.854   1.00 13.11 ? 18  DA  B C8    1 
ATOM   358 N  N7    . DA  B 1 6  ? -0.768  -3.149  3.665   1.00 4.22  ? 18  DA  B N7    1 
ATOM   359 C  C5    . DA  B 1 6  ? 0.081   -2.235  3.149   1.00 -6.03 ? 18  DA  B C5    1 
ATOM   360 C  C6    . DA  B 1 6  ? 0.822   -2.197  1.926   1.00 10.09 ? 18  DA  B C6    1 
ATOM   361 N  N6    . DA  B 1 6  ? 0.749   -3.187  0.992   1.00 12.00 ? 18  DA  B N6    1 
ATOM   362 N  N1    . DA  B 1 6  ? 1.615   -1.146  1.718   1.00 14.68 ? 18  DA  B N1    1 
ATOM   363 C  C2    . DA  B 1 6  ? 1.675   -0.177  2.634   1.00 4.30  ? 18  DA  B C2    1 
ATOM   364 N  N3    . DA  B 1 6  ? 1.027   -0.078  3.797   1.00 2.54  ? 18  DA  B N3    1 
ATOM   365 C  C4    . DA  B 1 6  ? 0.237   -1.159  3.989   1.00 14.24 ? 18  DA  B C4    1 
ATOM   366 P  P     . DT  B 1 7  ? -3.119  2.139   8.652   1.00 36.54 ? 19  DT  B P     1 
ATOM   367 O  OP1   . DT  B 1 7  ? -3.065  3.153   9.735   1.00 30.76 ? 19  DT  B OP1   1 
ATOM   368 O  OP2   . DT  B 1 7  ? -4.410  1.414   8.584   1.00 33.56 ? 19  DT  B OP2   1 
ATOM   369 O  "O5'" . DT  B 1 7  ? -2.752  2.824   7.249   1.00 32.67 ? 19  DT  B "O5'" 1 
ATOM   370 C  "C5'" . DT  B 1 7  ? -1.444  3.451   7.082   1.00 24.79 ? 19  DT  B "C5'" 1 
ATOM   371 C  "C4'" . DT  B 1 7  ? -1.201  3.722   5.628   1.00 12.60 ? 19  DT  B "C4'" 1 
ATOM   372 O  "O4'" . DT  B 1 7  ? -1.377  2.497   4.935   1.00 22.34 ? 19  DT  B "O4'" 1 
ATOM   373 C  "C3'" . DT  B 1 7  ? -2.144  4.702   4.936   1.00 10.60 ? 19  DT  B "C3'" 1 
ATOM   374 O  "O3'" . DT  B 1 7  ? -1.721  6.080   5.073   1.00 35.11 ? 19  DT  B "O3'" 1 
ATOM   375 C  "C2'" . DT  B 1 7  ? -2.192  4.158   3.496   1.00 23.19 ? 19  DT  B "C2'" 1 
ATOM   376 C  "C1'" . DT  B 1 7  ? -1.339  2.891   3.578   1.00 -0.26 ? 19  DT  B "C1'" 1 
ATOM   377 N  N1    . DT  B 1 7  ? -1.815  1.734   2.773   1.00 14.07 ? 19  DT  B N1    1 
ATOM   378 C  C2    . DT  B 1 7  ? -1.227  1.519   1.565   1.00 20.50 ? 19  DT  B C2    1 
ATOM   379 O  O2    . DT  B 1 7  ? -0.386  2.304   1.133   1.00 12.28 ? 19  DT  B O2    1 
ATOM   380 N  N3    . DT  B 1 7  ? -1.526  0.379   0.885   1.00 15.74 ? 19  DT  B N3    1 
ATOM   381 C  C4    . DT  B 1 7  ? -2.426  -0.536  1.351   1.00 5.04  ? 19  DT  B C4    1 
ATOM   382 O  O4    . DT  B 1 7  ? -2.640  -1.535  0.665   1.00 12.48 ? 19  DT  B O4    1 
ATOM   383 C  C5    . DT  B 1 7  ? -3.075  -0.277  2.558   1.00 10.88 ? 19  DT  B C5    1 
ATOM   384 C  C7    . DT  B 1 7  ? -4.090  -1.253  3.074   1.00 9.29  ? 19  DT  B C7    1 
ATOM   385 C  C6    . DT  B 1 7  ? -2.740  0.868   3.285   1.00 19.28 ? 19  DT  B C6    1 
ATOM   386 P  P     . DT  B 1 8  ? -2.448  7.320   4.354   1.00 29.34 ? 20  DT  B P     1 
ATOM   387 O  OP1   . DT  B 1 8  ? -1.814  8.545   4.882   1.00 20.30 ? 20  DT  B OP1   1 
ATOM   388 O  OP2   . DT  B 1 8  ? -3.937  7.270   4.410   1.00 29.64 ? 20  DT  B OP2   1 
ATOM   389 O  "O5'" . DT  B 1 8  ? -2.002  7.205   2.827   1.00 7.29  ? 20  DT  B "O5'" 1 
ATOM   390 C  "C5'" . DT  B 1 8  ? -0.630  7.440   2.462   1.00 35.74 ? 20  DT  B "C5'" 1 
ATOM   391 C  "C4'" . DT  B 1 8  ? -0.563  7.218   0.977   1.00 0.27  ? 20  DT  B "C4'" 1 
ATOM   392 O  "O4'" . DT  B 1 8  ? -0.958  5.874   0.679   1.00 10.84 ? 20  DT  B "O4'" 1 
ATOM   393 C  "C3'" . DT  B 1 8  ? -1.418  8.144   0.105   1.00 36.37 ? 20  DT  B "C3'" 1 
ATOM   394 O  "O3'" . DT  B 1 8  ? -0.588  8.999   -0.697  1.00 42.32 ? 20  DT  B "O3'" 1 
ATOM   395 C  "C2'" . DT  B 1 8  ? -2.302  7.156   -0.678  1.00 10.11 ? 20  DT  B "C2'" 1 
ATOM   396 C  "C1'" . DT  B 1 8  ? -1.459  5.893   -0.653  1.00 4.28  ? 20  DT  B "C1'" 1 
ATOM   397 N  N1    . DT  B 1 8  ? -2.295  4.673   -0.760  1.00 0.58  ? 20  DT  B N1    1 
ATOM   398 C  C2    . DT  B 1 8  ? -2.091  3.795   -1.782  1.00 6.16  ? 20  DT  B C2    1 
ATOM   399 O  O2    . DT  B 1 8  ? -1.261  4.033   -2.658  1.00 13.97 ? 20  DT  B O2    1 
ATOM   400 N  N3    . DT  B 1 8  ? -2.781  2.618   -1.774  1.00 12.83 ? 20  DT  B N3    1 
ATOM   401 C  C4    . DT  B 1 8  ? -3.685  2.307   -0.794  1.00 1.28  ? 20  DT  B C4    1 
ATOM   402 O  O4    . DT  B 1 8  ? -4.259  1.221   -0.857  1.00 24.75 ? 20  DT  B O4    1 
ATOM   403 C  C5    . DT  B 1 8  ? -3.921  3.234   0.219   1.00 10.97 ? 20  DT  B C5    1 
ATOM   404 C  C7    . DT  B 1 8  ? -4.897  2.899   1.305   1.00 4.45  ? 20  DT  B C7    1 
ATOM   405 C  C6    . DT  B 1 8  ? -3.197  4.421   0.233   1.00 -8.34 ? 20  DT  B C6    1 
HETATM 406 BR BR    . CBR B 1 9  ? -5.864  5.787   -1.852  1.00 22.17 ? 21  CBR B BR    1 
HETATM 407 P  P     . CBR B 1 9  ? -1.148  9.797   -1.967  1.00 27.28 ? 21  CBR B P     1 
HETATM 408 O  OP1   . CBR B 1 9  ? -0.224  10.920  -2.246  1.00 57.90 ? 21  CBR B OP1   1 
HETATM 409 O  OP2   . CBR B 1 9  ? -2.556  10.159  -1.762  1.00 49.40 ? 21  CBR B OP2   1 
HETATM 410 O  "O5'" . CBR B 1 9  ? -1.110  8.733   -3.156  1.00 14.56 ? 21  CBR B "O5'" 1 
HETATM 411 N  N1    . CBR B 1 9  ? -3.189  5.358   -4.978  1.00 3.34  ? 21  CBR B N1    1 
HETATM 412 C  C6    . CBR B 1 9  ? -3.839  5.872   -3.896  1.00 26.08 ? 21  CBR B C6    1 
HETATM 413 C  C2    . CBR B 1 9  ? -3.549  4.148   -5.502  1.00 42.66 ? 21  CBR B C2    1 
HETATM 414 O  O2    . CBR B 1 9  ? -2.924  3.718   -6.467  1.00 32.64 ? 21  CBR B O2    1 
HETATM 415 N  N3    . CBR B 1 9  ? -4.546  3.437   -4.956  1.00 18.87 ? 21  CBR B N3    1 
HETATM 416 C  C4    . CBR B 1 9  ? -5.211  3.903   -3.893  1.00 -6.99 ? 21  CBR B C4    1 
HETATM 417 N  N4    . CBR B 1 9  ? -6.231  3.174   -3.352  1.00 -1.40 ? 21  CBR B N4    1 
HETATM 418 C  C5    . CBR B 1 9  ? -4.887  5.137   -3.327  1.00 22.44 ? 21  CBR B C5    1 
HETATM 419 C  "C2'" . CBR B 1 9  ? -2.409  7.401   -6.274  1.00 21.46 ? 21  CBR B "C2'" 1 
HETATM 420 C  "C5'" . CBR B 1 9  ? 0.118   8.291   -3.729  1.00 42.50 ? 21  CBR B "C5'" 1 
HETATM 421 C  "C4'" . CBR B 1 9  ? -0.391  7.562   -4.944  1.00 31.04 ? 21  CBR B "C4'" 1 
HETATM 422 O  "O4'" . CBR B 1 9  ? -1.144  6.446   -4.475  1.00 24.91 ? 21  CBR B "O4'" 1 
HETATM 423 C  "C1'" . CBR B 1 9  ? -2.027  6.104   -5.561  1.00 24.08 ? 21  CBR B "C1'" 1 
HETATM 424 C  "C3'" . CBR B 1 9  ? -1.314  8.395   -5.865  1.00 22.65 ? 21  CBR B "C3'" 1 
HETATM 425 O  "O3'" . CBR B 1 9  ? -0.534  9.049   -6.908  1.00 37.32 ? 21  CBR B "O3'" 1 
ATOM   426 P  P     . DG  B 1 10 ? -0.984  9.558   -8.363  1.00 40.95 ? 22  DG  B P     1 
ATOM   427 O  OP1   . DG  B 1 10 ? 0.297   9.636   -9.093  1.00 41.68 ? 22  DG  B OP1   1 
ATOM   428 O  OP2   . DG  B 1 10 ? -1.772  10.778  -8.291  1.00 29.89 ? 22  DG  B OP2   1 
ATOM   429 O  "O5'" . DG  B 1 10 ? -1.866  8.393   -8.994  1.00 40.63 ? 22  DG  B "O5'" 1 
ATOM   430 C  "C5'" . DG  B 1 10 ? -1.247  7.207   -9.544  1.00 40.07 ? 22  DG  B "C5'" 1 
ATOM   431 C  "C4'" . DG  B 1 10 ? -2.331  6.429   -10.264 1.00 21.88 ? 22  DG  B "C4'" 1 
ATOM   432 O  "O4'" . DG  B 1 10 ? -3.159  5.807   -9.266  1.00 30.68 ? 22  DG  B "O4'" 1 
ATOM   433 C  "C3'" . DG  B 1 10 ? -3.320  7.192   -11.172 1.00 36.47 ? 22  DG  B "C3'" 1 
ATOM   434 O  "O3'" . DG  B 1 10 ? -3.884  6.343   -12.184 1.00 39.73 ? 22  DG  B "O3'" 1 
ATOM   435 C  "C2'" . DG  B 1 10 ? -4.373  7.553   -10.136 1.00 34.67 ? 22  DG  B "C2'" 1 
ATOM   436 C  "C1'" . DG  B 1 10 ? -4.506  6.152   -9.601  1.00 -3.28 ? 22  DG  B "C1'" 1 
ATOM   437 N  N9    . DG  B 1 10 ? -5.390  6.037   -8.418  1.00 1.41  ? 22  DG  B N9    1 
ATOM   438 C  C8    . DG  B 1 10 ? -5.727  6.962   -7.463  1.00 -5.89 ? 22  DG  B C8    1 
ATOM   439 N  N7    . DG  B 1 10 ? -6.563  6.459   -6.540  1.00 19.04 ? 22  DG  B N7    1 
ATOM   440 C  C5    . DG  B 1 10 ? -6.756  5.183   -6.944  1.00 7.58  ? 22  DG  B C5    1 
ATOM   441 C  C6    . DG  B 1 10 ? -7.563  4.144   -6.385  1.00 15.66 ? 22  DG  B C6    1 
ATOM   442 O  O6    . DG  B 1 10 ? -8.276  4.176   -5.387  1.00 9.27  ? 22  DG  B O6    1 
ATOM   443 N  N1    . DG  B 1 10 ? -7.503  2.992   -7.138  1.00 3.61  ? 22  DG  B N1    1 
ATOM   444 C  C2    . DG  B 1 10 ? -6.779  2.793   -8.278  1.00 -3.38 ? 22  DG  B C2    1 
ATOM   445 N  N2    . DG  B 1 10 ? -6.863  1.576   -8.898  1.00 27.47 ? 22  DG  B N2    1 
ATOM   446 N  N3    . DG  B 1 10 ? -6.026  3.760   -8.792  1.00 18.84 ? 22  DG  B N3    1 
ATOM   447 C  C4    . DG  B 1 10 ? -6.071  4.906   -8.080  1.00 0.03  ? 22  DG  B C4    1 
ATOM   448 P  P     . DC  B 1 11 ? -3.491  6.500   -13.730 1.00 31.07 ? 23  DC  B P     1 
ATOM   449 O  OP1   . DC  B 1 11 ? -2.027  6.367   -13.899 1.00 34.74 ? 23  DC  B OP1   1 
ATOM   450 O  OP2   . DC  B 1 11 ? -4.104  7.748   -14.257 1.00 48.02 ? 23  DC  B OP2   1 
ATOM   451 O  "O5'" . DC  B 1 11 ? -4.132  5.190   -14.393 1.00 35.89 ? 23  DC  B "O5'" 1 
ATOM   452 C  "C5'" . DC  B 1 11 ? -3.427  3.930   -14.271 1.00 36.77 ? 23  DC  B "C5'" 1 
ATOM   453 C  "C4'" . DC  B 1 11 ? -4.448  2.860   -14.029 1.00 53.74 ? 23  DC  B "C4'" 1 
ATOM   454 O  "O4'" . DC  B 1 11 ? -5.165  3.320   -12.896 1.00 28.42 ? 23  DC  B "O4'" 1 
ATOM   455 C  "C3'" . DC  B 1 11 ? -5.479  2.619   -15.141 1.00 31.64 ? 23  DC  B "C3'" 1 
ATOM   456 O  "O3'" . DC  B 1 11 ? -5.296  1.339   -15.813 1.00 40.69 ? 23  DC  B "O3'" 1 
ATOM   457 C  "C2'" . DC  B 1 11 ? -6.837  2.819   -14.444 1.00 21.20 ? 23  DC  B "C2'" 1 
ATOM   458 C  "C1'" . DC  B 1 11 ? -6.467  2.761   -12.963 1.00 -0.25 ? 23  DC  B "C1'" 1 
ATOM   459 N  N1    . DC  B 1 11 ? -7.249  3.697   -12.131 1.00 4.59  ? 23  DC  B N1    1 
ATOM   460 C  C2    . DC  B 1 11 ? -8.387  3.269   -11.529 1.00 16.09 ? 23  DC  B C2    1 
ATOM   461 O  O2    . DC  B 1 11 ? -8.754  2.112   -11.729 1.00 18.41 ? 23  DC  B O2    1 
ATOM   462 N  N3    . DC  B 1 11 ? -9.088  4.104   -10.758 1.00 29.61 ? 23  DC  B N3    1 
ATOM   463 C  C4    . DC  B 1 11 ? -8.673  5.359   -10.559 1.00 14.26 ? 23  DC  B C4    1 
ATOM   464 N  N4    . DC  B 1 11 ? -9.387  6.195   -9.745  1.00 15.65 ? 23  DC  B N4    1 
ATOM   465 C  C5    . DC  B 1 11 ? -7.500  5.827   -11.138 1.00 13.43 ? 23  DC  B C5    1 
ATOM   466 C  C6    . DC  B 1 11 ? -6.773  4.956   -11.942 1.00 27.49 ? 23  DC  B C6    1 
ATOM   467 P  P     . DG  B 1 12 ? -5.806  1.052   -17.315 1.00 58.32 ? 24  DG  B P     1 
ATOM   468 O  OP1   . DG  B 1 12 ? -5.210  -0.221  -17.781 1.00 61.17 ? 24  DG  B OP1   1 
ATOM   469 O  OP2   . DG  B 1 12 ? -5.484  2.199   -18.184 1.00 49.15 ? 24  DG  B OP2   1 
ATOM   470 O  "O5'" . DG  B 1 12 ? -7.381  0.814   -17.141 1.00 47.71 ? 24  DG  B "O5'" 1 
ATOM   471 C  "C5'" . DG  B 1 12 ? -7.814  -0.415  -16.508 1.00 34.82 ? 24  DG  B "C5'" 1 
ATOM   472 C  "C4'" . DG  B 1 12 ? -9.262  -0.298  -16.108 1.00 33.83 ? 24  DG  B "C4'" 1 
ATOM   473 O  "O4'" . DG  B 1 12 ? -9.364  0.592   -15.004 1.00 17.30 ? 24  DG  B "O4'" 1 
ATOM   474 C  "C3'" . DG  B 1 12 ? -10.224 0.272   -17.121 1.00 23.44 ? 24  DG  B "C3'" 1 
ATOM   475 O  "O3'" . DG  B 1 12 ? -10.497 -0.649  -18.194 1.00 45.91 ? 24  DG  B "O3'" 1 
ATOM   476 C  "C2'" . DG  B 1 12 ? -11.427 0.513   -16.204 1.00 35.07 ? 24  DG  B "C2'" 1 
ATOM   477 C  "C1'" . DG  B 1 12 ? -10.746 0.940   -14.896 1.00 15.49 ? 24  DG  B "C1'" 1 
ATOM   478 N  N9    . DG  B 1 12 ? -10.793 2.387   -14.563 1.00 12.06 ? 24  DG  B N9    1 
ATOM   479 C  C8    . DG  B 1 12 ? -10.094 3.431   -15.108 1.00 1.12  ? 24  DG  B C8    1 
ATOM   480 N  N7    . DG  B 1 12 ? -10.300 4.591   -14.464 1.00 15.94 ? 24  DG  B N7    1 
ATOM   481 C  C5    . DG  B 1 12 ? -11.154 4.257   -13.476 1.00 22.02 ? 24  DG  B C5    1 
ATOM   482 C  C6    . DG  B 1 12 ? -11.691 5.061   -12.427 1.00 6.56  ? 24  DG  B C6    1 
ATOM   483 O  O6    . DG  B 1 12 ? -11.471 6.244   -12.169 1.00 19.74 ? 24  DG  B O6    1 
ATOM   484 N  N1    . DG  B 1 12 ? -12.500 4.322   -11.596 1.00 6.11  ? 24  DG  B N1    1 
ATOM   485 C  C2    . DG  B 1 12 ? -12.806 2.993   -11.711 1.00 7.73  ? 24  DG  B C2    1 
ATOM   486 N  N2    . DG  B 1 12 ? -13.600 2.437   -10.751 1.00 15.30 ? 24  DG  B N2    1 
ATOM   487 N  N3    . DG  B 1 12 ? -12.284 2.235   -12.678 1.00 10.73 ? 24  DG  B N3    1 
ATOM   488 C  C4    . DG  B 1 12 ? -11.484 2.929   -13.519 1.00 19.68 ? 24  DG  B C4    1 
HETATM 489 O  O     . HOH C 2 .  ? -22.180 2.078   -5.416  1.00 34.95 ? 25  HOH A O     1 
HETATM 490 O  O     . HOH C 2 .  ? -10.731 6.475   -6.011  1.00 13.23 ? 29  HOH A O     1 
HETATM 491 O  O     . HOH C 2 .  ? -15.178 4.890   -2.226  1.00 16.08 ? 30  HOH A O     1 
HETATM 492 O  O     . HOH C 2 .  ? -7.964  -2.564  -1.762  1.00 33.09 ? 34  HOH A O     1 
HETATM 493 O  O     . HOH C 2 .  ? 2.295   5.599   -1.593  1.00 12.35 ? 35  HOH A O     1 
HETATM 494 O  O     . HOH C 2 .  ? 2.195   4.480   0.989   1.00 13.70 ? 37  HOH A O     1 
HETATM 495 O  O     . HOH C 2 .  ? 2.324   4.814   3.597   1.00 25.00 ? 40  HOH A O     1 
HETATM 496 O  O     . HOH C 2 .  ? 3.492   9.040   4.737   1.00 25.95 ? 41  HOH A O     1 
HETATM 497 O  O     . HOH C 2 .  ? 2.795   1.973   5.315   1.00 15.05 ? 42  HOH A O     1 
HETATM 498 O  O     . HOH C 2 .  ? 2.620   -0.536  7.815   1.00 32.49 ? 45  HOH A O     1 
HETATM 499 O  O     . HOH C 2 .  ? 2.994   -1.375  11.415  1.00 32.76 ? 46  HOH A O     1 
HETATM 500 O  O     . HOH C 2 .  ? 9.159   3.786   10.747  1.00 22.64 ? 47  HOH A O     1 
HETATM 501 O  O     . HOH C 2 .  ? 12.882  5.843   10.134  1.00 35.66 ? 49  HOH A O     1 
HETATM 502 O  O     . HOH C 2 .  ? 9.576   6.809   16.787  1.00 46.61 ? 50  HOH A O     1 
HETATM 503 O  O     . HOH C 2 .  ? -20.840 8.439   -8.645  1.00 38.43 ? 52  HOH A O     1 
HETATM 504 O  O     . HOH C 2 .  ? -18.068 7.126   -9.124  1.00 34.18 ? 53  HOH A O     1 
HETATM 505 O  O     . HOH C 2 .  ? -17.187 9.745   -8.729  1.00 37.91 ? 54  HOH A O     1 
HETATM 506 O  O     . HOH C 2 .  ? -15.278 12.083  -9.506  1.00 42.82 ? 55  HOH A O     1 
HETATM 507 O  O     . HOH C 2 .  ? -13.355 9.229   -10.700 1.00 34.15 ? 56  HOH A O     1 
HETATM 508 O  O     . HOH C 2 .  ? -8.185  6.012   1.609   1.00 31.28 ? 60  HOH A O     1 
HETATM 509 O  O     . HOH C 2 .  ? -11.587 7.635   -3.857  1.00 14.40 ? 63  HOH A O     1 
HETATM 510 O  O     . HOH C 2 .  ? -11.132 3.677   -1.309  1.00 38.53 ? 68  HOH A O     1 
HETATM 511 O  O     . HOH C 2 .  ? -16.319 -1.793  -0.410  1.00 35.63 ? 69  HOH A O     1 
HETATM 512 O  O     . HOH C 2 .  ? -10.897 -5.303  -2.005  1.00 25.74 ? 70  HOH A O     1 
HETATM 513 O  O     . HOH C 2 .  ? 3.415   8.057   -1.550  1.00 38.11 ? 72  HOH A O     1 
HETATM 514 O  O     . HOH C 2 .  ? -0.700  -6.398  -6.197  1.00 39.01 ? 73  HOH A O     1 
HETATM 515 O  O     . HOH C 2 .  ? -23.536 1.815   -2.261  1.00 34.84 ? 74  HOH A O     1 
HETATM 516 O  O     . HOH C 2 .  ? -6.335  -3.542  0.361   1.00 30.88 ? 75  HOH A O     1 
HETATM 517 O  O     . HOH C 2 .  ? 3.969   11.325  2.840   1.00 35.22 ? 76  HOH A O     1 
HETATM 518 O  O     . HOH C 2 .  ? -22.073 5.629   -10.223 1.00 35.57 ? 77  HOH A O     1 
HETATM 519 O  O     . HOH C 2 .  ? 11.979  3.986   5.084   1.00 42.78 ? 81  HOH A O     1 
HETATM 520 O  O     . HOH C 2 .  ? 8.869   7.408   10.478  1.00 41.69 ? 84  HOH A O     1 
HETATM 521 O  O     . HOH C 2 .  ? 3.092   6.289   13.980  1.00 38.62 ? 85  HOH A O     1 
HETATM 522 O  O     . HOH C 2 .  ? 12.925  4.836   19.655  1.00 38.56 ? 87  HOH A O     1 
HETATM 523 O  O     . HOH C 2 .  ? -9.206  3.909   -1.189  1.00 32.12 ? 88  HOH A O     1 
HETATM 524 O  O     . HOH C 2 .  ? -14.714 14.011  -12.014 1.00 39.06 ? 89  HOH A O     1 
HETATM 525 O  O     . HOH C 2 .  ? -15.669 14.763  -14.768 1.00 35.09 ? 91  HOH A O     1 
HETATM 526 O  O     . HOH C 2 .  ? 11.030  2.734   7.551   1.00 32.84 ? 93  HOH A O     1 
HETATM 527 O  O     . HOH C 2 .  ? 13.074  1.793   7.907   1.00 32.70 ? 94  HOH A O     1 
HETATM 528 O  O     . HOH C 2 .  ? -20.757 2.976   -1.154  1.00 35.59 ? 95  HOH A O     1 
HETATM 529 O  O     . HOH C 2 .  ? 10.943  2.682   19.294  1.00 35.16 ? 98  HOH A O     1 
HETATM 530 O  O     . HOH C 2 .  ? -0.855  -8.699  -10.734 1.00 33.28 ? 99  HOH A O     1 
HETATM 531 O  O     . HOH C 2 .  ? 1.987   -3.941  -3.829  1.00 35.92 ? 100 HOH A O     1 
HETATM 532 O  O     . HOH C 2 .  ? 10.828  8.629   -1.067  1.00 42.87 ? 101 HOH A O     1 
HETATM 533 O  O     . HOH C 2 .  ? 11.297  4.133   16.170  1.00 33.16 ? 102 HOH A O     1 
HETATM 534 O  O     . HOH C 2 .  ? 2.644   9.326   0.633   1.00 30.57 ? 105 HOH A O     1 
HETATM 535 O  O     . HOH C 2 .  ? 1.303   -6.262  -8.174  1.00 38.81 ? 109 HOH A O     1 
HETATM 536 O  O     . HOH C 2 .  ? 6.989   0.158   -4.912  1.00 30.76 ? 110 HOH A O     1 
HETATM 537 O  O     . HOH C 2 .  ? -12.681 5.575   -4.020  1.00 37.24 ? 114 HOH A O     1 
HETATM 538 O  O     . HOH C 2 .  ? -17.849 -4.690  -4.553  1.00 39.52 ? 115 HOH A O     1 
HETATM 539 O  O     . HOH C 2 .  ? 5.284   7.934   -3.677  1.00 38.51 ? 120 HOH A O     1 
HETATM 540 O  O     . HOH C 2 .  ? -25.491 1.839   -3.560  1.00 42.16 ? 122 HOH A O     1 
HETATM 541 O  O     . HOH C 2 .  ? -1.103  -5.528  -1.235  1.00 46.96 ? 123 HOH A O     1 
HETATM 542 O  O     . HOH C 2 .  ? -16.105 8.688   -10.818 1.00 39.85 ? 126 HOH A O     1 
HETATM 543 O  O     . HOH C 2 .  ? 10.181  4.062   12.964  1.00 40.95 ? 127 HOH A O     1 
HETATM 544 O  O     . HOH C 2 .  ? -5.323  -3.710  3.521   1.00 42.88 ? 134 HOH A O     1 
HETATM 545 O  O     . HOH C 2 .  ? 1.860   -7.619  -1.973  1.00 42.39 ? 135 HOH A O     1 
HETATM 546 O  O     . HOH D 2 .  ? -8.323  8.836   -9.952  1.00 19.12 ? 26  HOH B O     1 
HETATM 547 O  O     . HOH D 2 .  ? -0.869  10.025  -13.093 1.00 41.08 ? 27  HOH B O     1 
HETATM 548 O  O     . HOH D 2 .  ? -3.821  9.817   -8.167  1.00 22.22 ? 28  HOH B O     1 
HETATM 549 O  O     . HOH D 2 .  ? -4.347  2.555   -10.370 1.00 24.15 ? 31  HOH B O     1 
HETATM 550 O  O     . HOH D 2 .  ? 0.767   3.640   -11.493 1.00 25.61 ? 32  HOH B O     1 
HETATM 551 O  O     . HOH D 2 .  ? -7.087  9.402   0.200   1.00 40.89 ? 33  HOH B O     1 
HETATM 552 O  O     . HOH D 2 .  ? -7.760  0.043   4.277   1.00 28.04 ? 36  HOH B O     1 
HETATM 553 O  O     . HOH D 2 .  ? -5.713  5.061   6.266   1.00 26.62 ? 38  HOH B O     1 
HETATM 554 O  O     . HOH D 2 .  ? -5.003  1.500   5.350   1.00 24.81 ? 39  HOH B O     1 
HETATM 555 O  O     . HOH D 2 .  ? 8.865   -4.627  1.438   1.00 28.06 ? 43  HOH B O     1 
HETATM 556 O  O     . HOH D 2 .  ? -3.105  -9.364  6.897   1.00 35.80 ? 44  HOH B O     1 
HETATM 557 O  O     . HOH D 2 .  ? 14.309  -1.860  7.954   1.00 18.67 ? 48  HOH B O     1 
HETATM 558 O  O     . HOH D 2 .  ? 1.287   -4.971  11.714  1.00 36.80 ? 51  HOH B O     1 
HETATM 559 O  O     . HOH D 2 .  ? -9.969  7.527   -14.559 1.00 43.35 ? 57  HOH B O     1 
HETATM 560 O  O     . HOH D 2 .  ? -6.816  8.398   6.005   1.00 43.93 ? 58  HOH B O     1 
HETATM 561 O  O     . HOH D 2 .  ? -5.510  11.158  -10.590 1.00 32.39 ? 59  HOH B O     1 
HETATM 562 O  O     . HOH D 2 .  ? -0.832  0.374   -13.232 1.00 34.67 ? 61  HOH B O     1 
HETATM 563 O  O     . HOH D 2 .  ? -10.393 9.422   -4.228  1.00 29.38 ? 62  HOH B O     1 
HETATM 564 O  O     . HOH D 2 .  ? 1.450   12.157  -1.078  1.00 38.13 ? 64  HOH B O     1 
HETATM 565 O  O     . HOH D 2 .  ? 1.239   4.313   -3.882  1.00 23.75 ? 65  HOH B O     1 
HETATM 566 O  O     . HOH D 2 .  ? 1.218   4.683   -9.199  1.00 33.54 ? 66  HOH B O     1 
HETATM 567 O  O     . HOH D 2 .  ? -1.678  3.232   -8.278  1.00 34.56 ? 67  HOH B O     1 
HETATM 568 O  O     . HOH D 2 .  ? -1.455  13.977  -0.589  1.00 38.83 ? 71  HOH B O     1 
HETATM 569 O  O     . HOH D 2 .  ? -1.526  -2.976  13.280  1.00 42.93 ? 78  HOH B O     1 
HETATM 570 O  O     . HOH D 2 .  ? 6.881   -9.941  -1.114  1.00 38.75 ? 79  HOH B O     1 
HETATM 571 O  O     . HOH D 2 .  ? 9.580   -11.579 -1.318  1.00 26.60 ? 80  HOH B O     1 
HETATM 572 O  O     . HOH D 2 .  ? -1.200  -12.120 9.109   1.00 37.53 ? 82  HOH B O     1 
HETATM 573 O  O     . HOH D 2 .  ? 9.459   -9.645  -3.431  1.00 37.74 ? 83  HOH B O     1 
HETATM 574 O  O     . HOH D 2 .  ? 3.798   9.718   -13.252 1.00 29.72 ? 86  HOH B O     1 
HETATM 575 O  O     . HOH D 2 .  ? 0.349   4.042   14.571  1.00 31.34 ? 90  HOH B O     1 
HETATM 576 O  O     . HOH D 2 .  ? -0.902  2.212   11.940  1.00 33.94 ? 92  HOH B O     1 
HETATM 577 O  O     . HOH D 2 .  ? 1.388   9.618   -10.691 1.00 42.56 ? 96  HOH B O     1 
HETATM 578 O  O     . HOH D 2 .  ? -4.994  12.003  -6.205  1.00 39.40 ? 97  HOH B O     1 
HETATM 579 O  O     . HOH D 2 .  ? -9.015  10.835  -15.820 1.00 33.36 ? 103 HOH B O     1 
HETATM 580 O  O     . HOH D 2 .  ? -9.522  6.567   -3.421  1.00 31.88 ? 104 HOH B O     1 
HETATM 581 O  O     . HOH D 2 .  ? -0.086  14.612  2.389   1.00 40.75 ? 106 HOH B O     1 
HETATM 582 O  O     . HOH D 2 .  ? -0.241  12.671  -5.864  1.00 29.20 ? 107 HOH B O     1 
HETATM 583 O  O     . HOH D 2 .  ? 3.441   9.694   -8.725  1.00 32.95 ? 108 HOH B O     1 
HETATM 584 O  O     . HOH D 2 .  ? -3.157  11.520  3.625   1.00 44.34 ? 111 HOH B O     1 
HETATM 585 O  O     . HOH D 2 .  ? -8.161  9.483   -5.811  1.00 46.91 ? 112 HOH B O     1 
HETATM 586 O  O     . HOH D 2 .  ? -2.543  0.219   -11.584 1.00 41.07 ? 113 HOH B O     1 
HETATM 587 O  O     . HOH D 2 .  ? 4.228   4.432   -10.930 1.00 39.14 ? 116 HOH B O     1 
HETATM 588 O  O     . HOH D 2 .  ? 4.238   7.467   -7.238  1.00 40.45 ? 117 HOH B O     1 
HETATM 589 O  O     . HOH D 2 .  ? 1.169   4.782   -6.098  1.00 35.68 ? 118 HOH B O     1 
HETATM 590 O  O     . HOH D 2 .  ? 1.996   11.099  -4.656  1.00 36.77 ? 119 HOH B O     1 
HETATM 591 O  O     . HOH D 2 .  ? -9.883  -4.370  1.503   1.00 43.36 ? 121 HOH B O     1 
HETATM 592 O  O     . HOH D 2 .  ? 14.782  -3.282  3.760   1.00 39.06 ? 124 HOH B O     1 
HETATM 593 O  O     . HOH D 2 .  ? -3.063  15.257  0.183   1.00 35.33 ? 125 HOH B O     1 
HETATM 594 O  O     . HOH D 2 .  ? -4.573  14.167  -2.363  1.00 41.10 ? 128 HOH B O     1 
HETATM 595 O  O     . HOH D 2 .  ? -6.811  7.373   -4.077  1.00 33.10 ? 129 HOH B O     1 
HETATM 596 O  O     . HOH D 2 .  ? -8.621  -1.252  1.917   1.00 43.11 ? 130 HOH B O     1 
HETATM 597 O  O     . HOH D 2 .  ? -6.615  0.094   0.158   1.00 39.81 ? 131 HOH B O     1 
HETATM 598 O  O     . HOH D 2 .  ? -13.781 8.536   -12.899 1.00 42.34 ? 132 HOH B O     1 
HETATM 599 O  O     . HOH D 2 .  ? -5.368  10.778  -2.507  1.00 46.75 ? 133 HOH B O     1 
HETATM 600 O  O     . HOH D 2 .  ? 5.164   -5.927  -0.978  1.00 45.66 ? 136 HOH B O     1 
HETATM 601 O  O     . HOH D 2 .  ? 12.910  -5.091  -1.600  1.00 44.44 ? 137 HOH B O     1 
HETATM 602 O  O     . HOH D 2 .  ? 0.913   2.269   8.617   1.00 45.23 ? 138 HOH B O     1 
# 
